data_4FLV
#
_entry.id   4FLV
#
_cell.length_a   69.030
_cell.length_b   115.000
_cell.length_c   129.210
_cell.angle_alpha   90.00
_cell.angle_beta   90.00
_cell.angle_gamma   90.00
#
_symmetry.space_group_name_H-M   'P 21 21 21'
#
loop_
_entity.id
_entity.type
_entity.pdbx_description
1 polymer 'DNA polymerase 1'
2 polymer 'Primer strand'
3 polymer 'Template strand'
4 non-polymer 'MAGNESIUM ION'
5 non-polymer '2-(N-MORPHOLINO)-ETHANESULFONIC ACID'
6 non-polymer GLYCEROL
7 water water
#
loop_
_entity_poly.entity_id
_entity_poly.type
_entity_poly.pdbx_seq_one_letter_code
_entity_poly.pdbx_strand_id
1 'polypeptide(L)'
;MGSSHHHHHHSSGLVPAGSHAGMIIDADYITEDGKPIIRIFKKEKGEFKVEYDRTFRPYIYALLKDDSAIDEVKKITAER
HGKIVRITEVEKVQKKFLGRPIEVWKLYLEHPQDVPAIREKIREHPAVVDIFEYDIPFAKRYLIDKGLTPMEGNEELTFL
AVDIETLYHEGEEFGKGPIIMISYADEEGAKVITWKSIDLPYVEVVSSEREMIKRLVKVIREKDPDVIITYNGDNFAFPY
LLKRAEKLGIKLPLGRDNSEPKMQRMGDSLAVEIKGRIHFDLFPVIRRTINLPTYTLEAVYEAIFGKSKEKVYAHEIAEA
WETGKGLERVAKYSMEDAKVTFELGKEFFPMEAQLARLVGQPVWDVSRSSTGNLVEWFLLRKAYERNELAPNKPDEREYE
RRLRESYEGGYVKEPEKGLWEGIVSLDFRSLYPSIIITHNVSPDTLNRENCKEYDVAPQVGHRFCKDFPGFIPSLLGNLL
EERQKIKKRMKESKDPVEKKLLDYRQRAIKILANSYYGYYGYAKARWYCKECAESVTAWGRQYIDLVRRELESRGFKVLY
IDTDGLYATIPGAKHEEIKEKALKFVEYINSKLPGLLELEYEGFYARGFFVTKKKYALIDEEGKIVTRGLEIVRRDWSEI
AKETQAKVLEAILKHGNVDEAVKIVKEVTEKLSKYEIPPEKLVIYEQITRPLSEYKAIGPHVAVAKRLAAKGVKVKPGMV
IGYIVLRGDGPISKRAIAIEEFDPKKHKYDAEYYIENQVLPAVERILRAFGYRKEDLKYQKTKQVGLGAWLKF
;
A
2 'polydeoxyribonucleotide' (DC)(DG)(DA)(DT)(DC)(DA)(DC)(DG)(DG)(DG)(DG) P
3 'polydeoxyribonucleotide' (DG)(DG)(DG)(DT)(DA)(DC)(DG)(DT)(DG)(DA)(DT)(DC)(DG) T
#
# COMPACT_ATOMS: atom_id res chain seq x y z
N HIS A 20 -27.28 7.51 -16.65
CA HIS A 20 -27.55 8.82 -17.26
C HIS A 20 -26.32 9.30 -18.07
N ALA A 21 -25.85 10.57 -17.88
CA ALA A 21 -24.76 11.12 -18.69
C ALA A 21 -23.45 11.35 -17.90
N GLY A 22 -23.57 11.59 -16.59
CA GLY A 22 -22.45 11.93 -15.71
C GLY A 22 -21.36 10.90 -15.46
N MET A 23 -20.27 11.37 -14.82
CA MET A 23 -19.11 10.58 -14.38
C MET A 23 -19.40 10.01 -12.98
N ILE A 24 -19.27 8.69 -12.80
CA ILE A 24 -19.51 8.07 -11.49
C ILE A 24 -18.23 8.22 -10.67
N ILE A 25 -18.34 8.83 -9.47
CA ILE A 25 -17.18 9.05 -8.60
C ILE A 25 -17.21 8.07 -7.41
N ASP A 26 -18.41 7.51 -7.07
CA ASP A 26 -18.54 6.54 -5.99
C ASP A 26 -19.94 5.93 -5.96
N ALA A 27 -20.07 4.89 -5.13
CA ALA A 27 -21.32 4.18 -4.89
C ALA A 27 -21.29 3.58 -3.49
N ASP A 28 -22.46 3.53 -2.84
CA ASP A 28 -22.64 2.90 -1.53
C ASP A 28 -24.12 2.45 -1.41
N TYR A 29 -24.52 1.97 -0.24
CA TYR A 29 -25.90 1.67 0.03
C TYR A 29 -26.28 2.19 1.40
N ILE A 30 -27.56 2.52 1.54
CA ILE A 30 -28.22 2.97 2.76
C ILE A 30 -29.35 1.97 2.97
N THR A 31 -29.90 1.92 4.19
CA THR A 31 -31.00 1.02 4.51
C THR A 31 -32.18 1.93 4.82
N GLU A 32 -33.34 1.65 4.20
CA GLU A 32 -34.54 2.45 4.43
C GLU A 32 -35.71 1.49 4.60
N ASP A 33 -36.31 1.51 5.80
CA ASP A 33 -37.38 0.59 6.22
C ASP A 33 -36.86 -0.86 6.15
N GLY A 34 -35.60 -1.05 6.56
CA GLY A 34 -34.92 -2.34 6.60
C GLY A 34 -34.45 -2.87 5.26
N LYS A 35 -34.69 -2.13 4.17
CA LYS A 35 -34.31 -2.58 2.84
C LYS A 35 -33.18 -1.75 2.27
N PRO A 36 -32.25 -2.40 1.52
CA PRO A 36 -31.12 -1.64 0.95
C PRO A 36 -31.49 -0.77 -0.27
N ILE A 37 -30.89 0.42 -0.34
CA ILE A 37 -31.00 1.35 -1.46
C ILE A 37 -29.63 1.68 -1.91
N ILE A 38 -29.35 1.45 -3.16
CA ILE A 38 -28.05 1.79 -3.72
C ILE A 38 -28.06 3.31 -4.04
N ARG A 39 -26.93 4.00 -3.76
CA ARG A 39 -26.69 5.40 -4.14
C ARG A 39 -25.48 5.46 -5.07
N ILE A 40 -25.65 6.11 -6.24
CA ILE A 40 -24.60 6.32 -7.25
C ILE A 40 -24.32 7.78 -7.25
N PHE A 41 -23.12 8.15 -6.82
CA PHE A 41 -22.65 9.53 -6.73
C PHE A 41 -22.01 9.93 -8.06
N LYS A 42 -22.57 10.97 -8.68
CA LYS A 42 -22.16 11.42 -10.00
C LYS A 42 -21.84 12.89 -10.07
N LYS A 43 -21.03 13.25 -11.07
CA LYS A 43 -20.71 14.64 -11.43
C LYS A 43 -21.09 14.81 -12.91
N GLU A 44 -22.09 15.63 -13.18
CA GLU A 44 -22.63 15.87 -14.52
C GLU A 44 -22.52 17.36 -14.86
N LYS A 45 -21.57 17.70 -15.78
CA LYS A 45 -21.26 19.05 -16.25
C LYS A 45 -21.16 20.02 -15.05
N GLY A 46 -20.33 19.63 -14.08
CA GLY A 46 -20.06 20.39 -12.87
C GLY A 46 -21.03 20.23 -11.72
N GLU A 47 -22.16 19.55 -11.94
CA GLU A 47 -23.20 19.37 -10.92
C GLU A 47 -23.13 18.03 -10.23
N PHE A 48 -23.29 18.06 -8.90
CA PHE A 48 -23.35 16.84 -8.09
C PHE A 48 -24.75 16.24 -8.23
N LYS A 49 -24.81 14.95 -8.50
CA LYS A 49 -26.08 14.25 -8.67
C LYS A 49 -26.02 12.92 -7.95
N VAL A 50 -27.16 12.51 -7.33
CA VAL A 50 -27.29 11.20 -6.67
C VAL A 50 -28.41 10.45 -7.35
N GLU A 51 -28.13 9.22 -7.80
CA GLU A 51 -29.17 8.38 -8.36
C GLU A 51 -29.45 7.28 -7.34
N TYR A 52 -30.73 6.92 -7.15
CA TYR A 52 -31.11 5.88 -6.19
C TYR A 52 -31.64 4.65 -6.89
N ASP A 53 -31.26 3.45 -6.41
CA ASP A 53 -31.78 2.21 -6.95
C ASP A 53 -32.21 1.29 -5.79
N ARG A 54 -33.52 1.01 -5.71
CA ARG A 54 -34.11 0.14 -4.70
C ARG A 54 -34.28 -1.32 -5.17
N THR A 55 -34.05 -1.60 -6.46
CA THR A 55 -34.33 -2.88 -7.11
C THR A 55 -33.23 -3.94 -7.05
N PHE A 56 -31.95 -3.56 -6.80
CA PHE A 56 -30.86 -4.55 -6.82
C PHE A 56 -30.90 -5.46 -5.58
N ARG A 57 -30.88 -6.78 -5.81
CA ARG A 57 -30.97 -7.76 -4.74
C ARG A 57 -29.65 -8.51 -4.48
N PRO A 58 -29.31 -8.65 -3.18
CA PRO A 58 -28.17 -9.50 -2.77
C PRO A 58 -28.39 -10.97 -3.10
N TYR A 59 -27.30 -11.73 -3.31
CA TYR A 59 -27.33 -13.16 -3.66
C TYR A 59 -25.97 -13.83 -3.48
N ILE A 60 -26.00 -15.16 -3.43
CA ILE A 60 -24.87 -16.08 -3.39
C ILE A 60 -25.24 -17.23 -4.30
N TYR A 61 -24.29 -18.13 -4.58
CA TYR A 61 -24.57 -19.34 -5.39
C TYR A 61 -24.33 -20.55 -4.54
N ALA A 62 -25.04 -21.63 -4.81
CA ALA A 62 -24.86 -22.91 -4.13
C ALA A 62 -24.86 -24.01 -5.15
N LEU A 63 -23.78 -24.82 -5.12
CA LEU A 63 -23.68 -26.01 -5.94
C LEU A 63 -24.27 -27.14 -5.11
N LEU A 64 -25.30 -27.79 -5.63
CA LEU A 64 -25.98 -28.87 -4.92
C LEU A 64 -25.60 -30.25 -5.49
N LYS A 65 -25.68 -31.32 -4.66
CA LYS A 65 -25.36 -32.69 -5.11
C LYS A 65 -26.39 -33.13 -6.16
N ASP A 66 -27.62 -32.60 -6.04
CA ASP A 66 -28.76 -32.89 -6.90
C ASP A 66 -29.81 -31.77 -6.82
N ASP A 67 -30.57 -31.55 -7.90
CA ASP A 67 -31.63 -30.54 -8.03
C ASP A 67 -32.72 -30.67 -6.97
N SER A 68 -33.10 -31.92 -6.59
CA SER A 68 -34.13 -32.19 -5.57
C SER A 68 -33.82 -31.54 -4.20
N ALA A 69 -32.53 -31.35 -3.90
CA ALA A 69 -32.01 -30.75 -2.66
C ALA A 69 -32.47 -29.29 -2.44
N ILE A 70 -32.77 -28.53 -3.54
CA ILE A 70 -33.19 -27.13 -3.45
C ILE A 70 -34.37 -26.94 -2.51
N ASP A 71 -35.24 -27.93 -2.41
CA ASP A 71 -36.43 -27.88 -1.55
C ASP A 71 -36.07 -27.80 -0.05
N GLU A 72 -34.96 -28.46 0.37
CA GLU A 72 -34.45 -28.41 1.75
C GLU A 72 -33.60 -27.13 1.99
N VAL A 73 -32.78 -26.77 0.98
CA VAL A 73 -31.86 -25.64 0.98
C VAL A 73 -32.59 -24.28 1.00
N LYS A 74 -33.63 -24.09 0.15
CA LYS A 74 -34.40 -22.83 0.10
C LYS A 74 -35.10 -22.54 1.44
N LYS A 75 -35.26 -23.57 2.32
CA LYS A 75 -35.92 -23.44 3.62
C LYS A 75 -34.94 -23.13 4.78
N ILE A 76 -33.63 -23.03 4.49
CA ILE A 76 -32.61 -22.68 5.49
C ILE A 76 -32.88 -21.23 5.95
N THR A 77 -32.74 -20.96 7.26
CA THR A 77 -32.93 -19.63 7.84
C THR A 77 -31.74 -19.26 8.76
N ALA A 78 -31.69 -17.98 9.21
CA ALA A 78 -30.71 -17.43 10.16
C ALA A 78 -31.37 -16.31 10.97
N GLU A 79 -30.64 -15.62 11.87
CA GLU A 79 -31.15 -14.49 12.65
C GLU A 79 -30.26 -13.25 12.51
N ARG A 80 -30.89 -12.06 12.50
CA ARG A 80 -30.25 -10.75 12.39
C ARG A 80 -31.24 -9.65 12.77
N HIS A 81 -30.75 -8.66 13.54
CA HIS A 81 -31.49 -7.47 13.96
C HIS A 81 -32.82 -7.89 14.65
N GLY A 82 -32.77 -8.97 15.42
CA GLY A 82 -33.93 -9.50 16.15
C GLY A 82 -34.98 -10.21 15.31
N LYS A 83 -34.79 -10.26 13.98
CA LYS A 83 -35.70 -10.92 13.06
C LYS A 83 -35.03 -12.12 12.41
N ILE A 84 -35.82 -13.06 11.88
CA ILE A 84 -35.32 -14.25 11.21
C ILE A 84 -34.99 -13.87 9.76
N VAL A 85 -33.92 -14.46 9.20
CA VAL A 85 -33.43 -14.23 7.84
C VAL A 85 -33.78 -15.44 6.98
N ARG A 86 -34.41 -15.20 5.81
CA ARG A 86 -34.82 -16.23 4.86
C ARG A 86 -34.26 -15.98 3.48
N ILE A 87 -34.21 -17.05 2.67
CA ILE A 87 -33.83 -17.00 1.25
C ILE A 87 -35.15 -16.53 0.55
N THR A 88 -35.12 -15.37 -0.13
CA THR A 88 -36.33 -14.78 -0.71
C THR A 88 -36.75 -15.45 -2.01
N GLU A 89 -35.79 -15.80 -2.84
CA GLU A 89 -36.00 -16.48 -4.12
C GLU A 89 -34.77 -17.32 -4.43
N VAL A 90 -34.98 -18.41 -5.19
CA VAL A 90 -33.96 -19.33 -5.70
C VAL A 90 -34.12 -19.39 -7.23
N GLU A 91 -33.01 -19.54 -7.96
CA GLU A 91 -33.03 -19.56 -9.44
C GLU A 91 -31.95 -20.49 -9.97
N LYS A 92 -32.32 -21.50 -10.79
CA LYS A 92 -31.30 -22.40 -11.35
C LYS A 92 -30.58 -21.70 -12.53
N VAL A 93 -29.22 -21.59 -12.47
CA VAL A 93 -28.48 -20.88 -13.52
C VAL A 93 -27.34 -21.74 -14.09
N GLN A 94 -26.99 -21.49 -15.34
CA GLN A 94 -25.92 -22.16 -16.06
C GLN A 94 -24.75 -21.19 -16.18
N LYS A 95 -23.60 -21.59 -15.67
CA LYS A 95 -22.39 -20.77 -15.68
C LYS A 95 -21.20 -21.64 -16.04
N LYS A 96 -19.99 -21.07 -15.96
CA LYS A 96 -18.75 -21.80 -16.16
C LYS A 96 -17.92 -21.71 -14.88
N PHE A 97 -17.32 -22.85 -14.50
CA PHE A 97 -16.39 -22.94 -13.40
C PHE A 97 -15.15 -23.66 -13.92
N LEU A 98 -13.97 -23.00 -13.84
CA LEU A 98 -12.68 -23.53 -14.31
C LEU A 98 -12.78 -24.01 -15.77
N GLY A 99 -13.37 -23.18 -16.62
CA GLY A 99 -13.56 -23.49 -18.04
C GLY A 99 -14.44 -24.71 -18.34
N ARG A 100 -15.48 -24.93 -17.50
CA ARG A 100 -16.38 -26.09 -17.61
C ARG A 100 -17.80 -25.68 -17.27
N PRO A 101 -18.82 -26.11 -18.03
CA PRO A 101 -20.19 -25.74 -17.68
C PRO A 101 -20.59 -26.33 -16.33
N ILE A 102 -21.32 -25.55 -15.54
CA ILE A 102 -21.77 -25.95 -14.21
C ILE A 102 -23.17 -25.36 -13.98
N GLU A 103 -23.99 -26.06 -13.17
CA GLU A 103 -25.31 -25.62 -12.79
C GLU A 103 -25.35 -25.32 -11.32
N VAL A 104 -25.60 -24.05 -11.00
CA VAL A 104 -25.67 -23.66 -9.60
C VAL A 104 -27.03 -23.00 -9.36
N TRP A 105 -27.36 -22.80 -8.07
CA TRP A 105 -28.58 -22.15 -7.66
C TRP A 105 -28.24 -20.80 -7.11
N LYS A 106 -28.83 -19.76 -7.69
CA LYS A 106 -28.69 -18.38 -7.27
C LYS A 106 -29.67 -18.20 -6.12
N LEU A 107 -29.16 -17.91 -4.91
CA LEU A 107 -30.01 -17.73 -3.72
C LEU A 107 -30.07 -16.25 -3.39
N TYR A 108 -31.28 -15.66 -3.47
CA TYR A 108 -31.49 -14.25 -3.20
C TYR A 108 -31.78 -14.02 -1.73
N LEU A 109 -31.32 -12.87 -1.20
CA LEU A 109 -31.54 -12.44 0.19
C LEU A 109 -32.05 -11.00 0.18
N GLU A 110 -32.77 -10.55 1.23
CA GLU A 110 -33.33 -9.20 1.19
C GLU A 110 -32.27 -8.11 1.40
N HIS A 111 -31.44 -8.26 2.43
CA HIS A 111 -30.45 -7.28 2.83
C HIS A 111 -29.00 -7.81 2.72
N PRO A 112 -27.99 -6.98 2.32
CA PRO A 112 -26.59 -7.45 2.27
C PRO A 112 -26.10 -8.08 3.56
N GLN A 113 -26.55 -7.55 4.69
CA GLN A 113 -26.12 -8.06 5.98
C GLN A 113 -26.72 -9.46 6.29
N ASP A 114 -27.65 -9.96 5.44
CA ASP A 114 -28.21 -11.31 5.55
C ASP A 114 -27.17 -12.36 5.09
N VAL A 115 -26.32 -11.98 4.13
CA VAL A 115 -25.29 -12.86 3.56
C VAL A 115 -24.31 -13.36 4.66
N PRO A 116 -23.62 -12.52 5.51
CA PRO A 116 -22.75 -13.14 6.54
C PRO A 116 -23.54 -13.93 7.57
N ALA A 117 -24.82 -13.55 7.83
CA ALA A 117 -25.66 -14.23 8.82
C ALA A 117 -26.06 -15.67 8.41
N ILE A 118 -26.34 -15.91 7.12
CA ILE A 118 -26.84 -17.20 6.63
C ILE A 118 -25.78 -18.07 5.88
N ARG A 119 -24.77 -17.47 5.20
CA ARG A 119 -23.82 -18.22 4.34
C ARG A 119 -23.22 -19.51 4.97
N GLU A 120 -22.80 -19.51 6.25
CA GLU A 120 -22.22 -20.71 6.85
C GLU A 120 -23.27 -21.80 7.11
N LYS A 121 -24.55 -21.42 7.32
CA LYS A 121 -25.67 -22.36 7.50
C LYS A 121 -26.05 -23.03 6.14
N ILE A 122 -25.73 -22.39 5.03
CA ILE A 122 -26.00 -23.01 3.73
C ILE A 122 -24.84 -23.96 3.43
N ARG A 123 -23.58 -23.46 3.60
CA ARG A 123 -22.36 -24.21 3.37
C ARG A 123 -22.33 -25.55 4.15
N GLU A 124 -22.81 -25.54 5.42
CA GLU A 124 -22.83 -26.70 6.32
C GLU A 124 -23.78 -27.81 5.87
N HIS A 125 -24.83 -27.48 5.07
CA HIS A 125 -25.85 -28.44 4.64
C HIS A 125 -25.24 -29.63 3.84
N PRO A 126 -25.65 -30.89 4.20
CA PRO A 126 -25.10 -32.09 3.54
C PRO A 126 -25.32 -32.18 2.03
N ALA A 127 -26.35 -31.49 1.52
CA ALA A 127 -26.68 -31.52 0.10
C ALA A 127 -25.91 -30.42 -0.69
N VAL A 128 -25.23 -29.50 0.03
CA VAL A 128 -24.49 -28.39 -0.57
C VAL A 128 -23.01 -28.76 -0.75
N VAL A 129 -22.56 -28.78 -2.02
CA VAL A 129 -21.20 -29.12 -2.43
C VAL A 129 -20.27 -27.98 -2.01
N ASP A 130 -20.63 -26.74 -2.38
CA ASP A 130 -19.92 -25.51 -2.03
C ASP A 130 -20.83 -24.35 -2.32
N ILE A 131 -20.48 -23.18 -1.78
CA ILE A 131 -21.12 -21.89 -2.00
C ILE A 131 -20.10 -20.96 -2.66
N PHE A 132 -20.58 -19.93 -3.38
CA PHE A 132 -19.72 -19.03 -4.13
C PHE A 132 -20.19 -17.62 -4.07
N GLU A 133 -19.27 -16.66 -4.33
CA GLU A 133 -19.53 -15.20 -4.42
C GLU A 133 -20.35 -14.72 -3.25
N TYR A 134 -19.89 -14.99 -2.02
CA TYR A 134 -20.62 -14.67 -0.77
C TYR A 134 -19.93 -13.58 0.09
N ASP A 135 -18.89 -12.94 -0.46
CA ASP A 135 -18.13 -11.92 0.28
C ASP A 135 -17.78 -10.70 -0.59
N ILE A 136 -18.60 -10.42 -1.61
CA ILE A 136 -18.38 -9.25 -2.49
C ILE A 136 -19.23 -8.09 -1.92
N PRO A 137 -18.68 -6.91 -1.52
CA PRO A 137 -19.57 -5.85 -0.96
C PRO A 137 -20.65 -5.40 -1.95
N PHE A 138 -21.86 -5.16 -1.43
CA PHE A 138 -23.05 -4.82 -2.20
C PHE A 138 -22.83 -3.71 -3.24
N ALA A 139 -22.21 -2.59 -2.85
CA ALA A 139 -21.94 -1.48 -3.77
C ALA A 139 -20.97 -1.90 -4.90
N LYS A 140 -20.01 -2.82 -4.63
CA LYS A 140 -19.08 -3.32 -5.63
C LYS A 140 -19.76 -4.37 -6.50
N ARG A 141 -20.63 -5.21 -5.89
CA ARG A 141 -21.48 -6.18 -6.57
C ARG A 141 -22.40 -5.45 -7.56
N TYR A 142 -22.95 -4.28 -7.17
CA TYR A 142 -23.82 -3.46 -8.00
C TYR A 142 -23.09 -2.93 -9.24
N LEU A 143 -21.91 -2.30 -9.07
CA LEU A 143 -21.13 -1.73 -10.19
C LEU A 143 -20.77 -2.77 -11.24
N ILE A 144 -20.44 -4.02 -10.80
CA ILE A 144 -20.06 -5.12 -11.68
C ILE A 144 -21.30 -5.58 -12.44
N ASP A 145 -22.35 -6.04 -11.71
CA ASP A 145 -23.56 -6.63 -12.30
C ASP A 145 -24.29 -5.68 -13.23
N LYS A 146 -24.19 -4.38 -13.00
CA LYS A 146 -24.87 -3.36 -13.80
C LYS A 146 -23.98 -2.81 -14.93
N GLY A 147 -22.73 -3.28 -15.00
CA GLY A 147 -21.75 -2.84 -16.00
C GLY A 147 -21.40 -1.36 -15.90
N LEU A 148 -21.31 -0.85 -14.66
CA LEU A 148 -21.02 0.55 -14.39
C LEU A 148 -19.55 0.74 -14.04
N THR A 149 -18.93 1.74 -14.70
CA THR A 149 -17.51 2.05 -14.53
C THR A 149 -17.31 3.48 -13.99
N PRO A 150 -16.65 3.62 -12.83
CA PRO A 150 -16.36 4.96 -12.30
C PRO A 150 -15.31 5.70 -13.13
N MET A 151 -15.29 7.04 -13.04
CA MET A 151 -14.30 7.94 -13.63
C MET A 151 -14.25 7.93 -15.17
N GLU A 152 -15.39 7.74 -15.85
CA GLU A 152 -15.43 7.81 -17.31
C GLU A 152 -15.78 9.20 -17.75
N GLY A 153 -15.20 9.67 -18.84
CA GLY A 153 -15.52 11.01 -19.35
C GLY A 153 -14.44 12.03 -19.05
N ASN A 154 -14.72 13.29 -19.45
CA ASN A 154 -13.78 14.41 -19.32
C ASN A 154 -14.21 15.41 -18.21
N GLU A 155 -15.14 14.96 -17.34
CA GLU A 155 -15.66 15.71 -16.20
C GLU A 155 -14.51 16.16 -15.28
N GLU A 156 -14.38 17.50 -15.06
CA GLU A 156 -13.30 18.07 -14.22
C GLU A 156 -13.77 18.18 -12.78
N LEU A 157 -13.04 17.53 -11.87
CA LEU A 157 -13.32 17.52 -10.44
C LEU A 157 -12.65 18.69 -9.74
N THR A 158 -13.17 19.06 -8.56
CA THR A 158 -12.58 20.13 -7.74
C THR A 158 -11.90 19.52 -6.55
N PHE A 159 -10.77 20.13 -6.16
CA PHE A 159 -9.90 19.60 -5.11
C PHE A 159 -9.67 20.59 -4.00
N LEU A 160 -9.57 20.06 -2.76
CA LEU A 160 -9.21 20.83 -1.57
C LEU A 160 -8.31 19.99 -0.70
N ALA A 161 -7.13 20.53 -0.35
CA ALA A 161 -6.21 19.84 0.58
C ALA A 161 -6.55 20.30 1.96
N VAL A 162 -6.50 19.41 2.96
CA VAL A 162 -6.81 19.71 4.35
C VAL A 162 -5.73 19.12 5.24
N ASP A 163 -5.36 19.84 6.31
CA ASP A 163 -4.34 19.40 7.26
C ASP A 163 -4.59 20.06 8.61
N ILE A 164 -3.98 19.54 9.70
CA ILE A 164 -4.15 20.08 11.06
C ILE A 164 -2.83 20.07 11.79
N GLU A 165 -2.68 20.95 12.79
CA GLU A 165 -1.55 20.92 13.71
C GLU A 165 -2.13 20.75 15.09
N THR A 166 -1.47 19.96 15.96
CA THR A 166 -1.95 19.70 17.32
C THR A 166 -0.87 19.97 18.36
N LEU A 167 -1.30 20.03 19.65
CA LEU A 167 -0.42 20.18 20.79
C LEU A 167 -0.14 18.79 21.38
N TYR A 168 1.10 18.28 21.17
CA TYR A 168 1.50 16.94 21.61
C TYR A 168 2.68 16.94 22.58
N HIS A 169 2.60 16.10 23.62
CA HIS A 169 3.67 15.82 24.59
C HIS A 169 3.89 14.32 24.56
N GLU A 170 5.16 13.90 24.56
CA GLU A 170 5.55 12.49 24.46
C GLU A 170 4.73 11.57 25.38
N GLY A 171 4.21 10.50 24.80
CA GLY A 171 3.43 9.46 25.47
C GLY A 171 1.99 9.75 25.83
N GLU A 172 1.41 10.87 25.35
CA GLU A 172 0.02 11.22 25.62
C GLU A 172 -0.94 10.31 24.89
N GLU A 173 -2.14 10.10 25.49
CA GLU A 173 -3.23 9.37 24.84
C GLU A 173 -3.64 10.15 23.60
N PHE A 174 -4.04 9.44 22.52
CA PHE A 174 -4.41 10.08 21.26
C PHE A 174 -5.58 11.04 21.46
N GLY A 175 -5.42 12.28 21.01
CA GLY A 175 -6.47 13.29 21.12
C GLY A 175 -6.50 14.08 22.41
N LYS A 176 -5.54 13.84 23.36
CA LYS A 176 -5.49 14.55 24.64
C LYS A 176 -5.35 16.07 24.46
N GLY A 177 -4.37 16.48 23.66
CA GLY A 177 -4.09 17.89 23.40
C GLY A 177 -5.02 18.46 22.34
N PRO A 178 -5.29 19.78 22.37
CA PRO A 178 -6.18 20.34 21.34
C PRO A 178 -5.53 20.43 19.96
N ILE A 179 -6.38 20.63 18.95
CA ILE A 179 -5.96 20.97 17.61
C ILE A 179 -5.66 22.47 17.75
N ILE A 180 -4.50 22.91 17.31
CA ILE A 180 -4.15 24.30 17.49
C ILE A 180 -4.25 25.10 16.19
N MET A 181 -4.22 24.42 15.05
CA MET A 181 -4.33 25.00 13.70
C MET A 181 -4.98 24.03 12.75
N ILE A 182 -5.68 24.58 11.74
CA ILE A 182 -6.28 23.79 10.65
C ILE A 182 -5.93 24.53 9.37
N SER A 183 -5.29 23.84 8.44
CA SER A 183 -4.93 24.48 7.20
C SER A 183 -5.58 23.76 6.03
N TYR A 184 -5.83 24.54 4.97
CA TYR A 184 -6.41 24.05 3.73
C TYR A 184 -5.78 24.81 2.59
N ALA A 185 -5.85 24.24 1.40
CA ALA A 185 -5.28 24.84 0.19
C ALA A 185 -6.00 24.31 -1.03
N ASP A 186 -6.13 25.16 -2.02
CA ASP A 186 -6.65 24.90 -3.35
C ASP A 186 -5.97 25.93 -4.30
N GLU A 187 -6.52 26.20 -5.48
CA GLU A 187 -5.91 27.14 -6.42
C GLU A 187 -6.01 28.60 -5.99
N GLU A 188 -6.93 28.93 -5.05
CA GLU A 188 -7.10 30.28 -4.49
C GLU A 188 -5.98 30.60 -3.42
N GLY A 189 -5.17 29.61 -3.06
CA GLY A 189 -4.08 29.77 -2.09
C GLY A 189 -4.18 28.85 -0.89
N ALA A 190 -3.16 28.90 -0.02
CA ALA A 190 -3.09 28.10 1.20
C ALA A 190 -3.43 29.00 2.40
N LYS A 191 -4.32 28.50 3.33
CA LYS A 191 -4.80 29.31 4.46
C LYS A 191 -4.68 28.56 5.77
N VAL A 192 -4.56 29.29 6.88
CA VAL A 192 -4.43 28.73 8.23
C VAL A 192 -5.54 29.32 9.13
N ILE A 193 -6.22 28.45 9.89
CA ILE A 193 -7.21 28.83 10.89
C ILE A 193 -6.61 28.47 12.23
N THR A 194 -6.49 29.45 13.14
CA THR A 194 -5.91 29.23 14.46
C THR A 194 -6.66 30.06 15.51
N TRP A 195 -6.53 29.66 16.80
CA TRP A 195 -7.25 30.31 17.88
C TRP A 195 -6.32 31.04 18.84
N LYS A 196 -5.14 31.42 18.33
CA LYS A 196 -4.14 32.29 18.99
C LYS A 196 -3.68 33.34 17.98
N SER A 197 -3.40 34.56 18.45
CA SER A 197 -3.05 35.69 17.58
C SER A 197 -1.69 35.54 16.89
N ILE A 198 -1.71 35.41 15.57
CA ILE A 198 -0.54 35.30 14.69
C ILE A 198 -0.76 36.28 13.54
N ASP A 199 0.18 37.19 13.32
CA ASP A 199 -0.01 38.21 12.31
C ASP A 199 0.66 37.85 10.97
N LEU A 200 -0.03 37.04 10.17
CA LEU A 200 0.40 36.64 8.82
C LEU A 200 -0.78 36.81 7.85
N PRO A 201 -0.54 37.11 6.56
CA PRO A 201 -1.68 37.37 5.64
C PRO A 201 -2.63 36.19 5.40
N TYR A 202 -2.13 34.96 5.55
CA TYR A 202 -2.94 33.76 5.28
C TYR A 202 -3.51 33.14 6.55
N VAL A 203 -3.41 33.85 7.69
CA VAL A 203 -3.87 33.31 8.96
C VAL A 203 -5.20 33.98 9.40
N GLU A 204 -6.25 33.15 9.65
CA GLU A 204 -7.54 33.60 10.18
C GLU A 204 -7.56 33.24 11.65
N VAL A 205 -7.59 34.26 12.53
CA VAL A 205 -7.60 34.03 13.98
C VAL A 205 -9.04 33.96 14.46
N VAL A 206 -9.42 32.87 15.16
CA VAL A 206 -10.78 32.64 15.71
C VAL A 206 -10.67 32.54 17.24
N SER A 207 -11.81 32.43 17.95
CA SER A 207 -11.81 32.49 19.43
C SER A 207 -11.40 31.22 20.14
N SER A 208 -11.69 30.04 19.59
CA SER A 208 -11.43 28.78 20.27
C SER A 208 -11.20 27.64 19.30
N GLU A 209 -10.86 26.45 19.84
CA GLU A 209 -10.68 25.23 19.08
C GLU A 209 -12.03 24.88 18.43
N ARG A 210 -13.12 25.00 19.20
CA ARG A 210 -14.48 24.76 18.73
C ARG A 210 -14.78 25.63 17.50
N GLU A 211 -14.48 26.94 17.60
CA GLU A 211 -14.76 27.85 16.49
C GLU A 211 -13.87 27.56 15.26
N MET A 212 -12.64 27.06 15.48
CA MET A 212 -11.73 26.72 14.39
C MET A 212 -12.25 25.50 13.60
N ILE A 213 -12.74 24.46 14.33
CA ILE A 213 -13.29 23.25 13.72
C ILE A 213 -14.59 23.64 12.96
N LYS A 214 -15.44 24.51 13.54
CA LYS A 214 -16.66 24.93 12.85
C LYS A 214 -16.30 25.74 11.59
N ARG A 215 -15.17 26.48 11.59
CA ARG A 215 -14.72 27.22 10.41
C ARG A 215 -14.29 26.25 9.30
N LEU A 216 -13.63 25.11 9.65
CA LEU A 216 -13.20 24.09 8.68
C LEU A 216 -14.43 23.52 8.01
N VAL A 217 -15.46 23.19 8.82
CA VAL A 217 -16.76 22.67 8.34
C VAL A 217 -17.36 23.66 7.30
N LYS A 218 -17.36 24.97 7.62
CA LYS A 218 -17.92 26.00 6.73
C LYS A 218 -17.16 26.08 5.40
N VAL A 219 -15.81 26.09 5.44
CA VAL A 219 -14.94 26.12 4.25
C VAL A 219 -15.28 24.94 3.31
N ILE A 220 -15.33 23.73 3.87
CA ILE A 220 -15.61 22.52 3.10
C ILE A 220 -17.05 22.58 2.52
N ARG A 221 -18.04 23.05 3.31
CA ARG A 221 -19.42 23.11 2.82
C ARG A 221 -19.57 24.16 1.72
N GLU A 222 -18.85 25.27 1.83
CA GLU A 222 -18.92 26.37 0.85
C GLU A 222 -18.13 26.07 -0.41
N LYS A 223 -16.89 25.53 -0.30
CA LYS A 223 -16.07 25.21 -1.47
C LYS A 223 -16.63 23.94 -2.19
N ASP A 224 -17.34 23.08 -1.44
CA ASP A 224 -17.98 21.85 -1.92
C ASP A 224 -16.99 21.03 -2.81
N PRO A 225 -15.77 20.71 -2.32
CA PRO A 225 -14.83 19.96 -3.18
C PRO A 225 -15.30 18.53 -3.45
N ASP A 226 -14.99 18.05 -4.65
CA ASP A 226 -15.29 16.67 -5.00
C ASP A 226 -14.26 15.75 -4.35
N VAL A 227 -13.04 16.27 -4.19
CA VAL A 227 -11.90 15.53 -3.64
C VAL A 227 -11.27 16.30 -2.46
N ILE A 228 -11.21 15.62 -1.29
CA ILE A 228 -10.50 16.14 -0.11
C ILE A 228 -9.15 15.40 -0.03
N ILE A 229 -8.04 16.14 -0.25
CA ILE A 229 -6.69 15.59 -0.24
C ILE A 229 -6.08 15.73 1.15
N THR A 230 -5.51 14.65 1.71
CA THR A 230 -4.81 14.70 2.98
C THR A 230 -3.49 13.95 2.88
N TYR A 231 -2.62 14.14 3.86
CA TYR A 231 -1.41 13.37 3.99
C TYR A 231 -1.51 12.65 5.34
N ASN A 232 -1.84 11.34 5.27
CA ASN A 232 -2.10 10.48 6.43
C ASN A 232 -3.40 10.93 7.20
N GLY A 233 -4.38 11.46 6.46
CA GLY A 233 -5.66 11.85 7.05
C GLY A 233 -6.44 10.67 7.58
N ASP A 234 -6.26 9.48 7.01
CA ASP A 234 -6.95 8.26 7.44
C ASP A 234 -6.63 7.89 8.87
N ASN A 235 -5.36 8.06 9.28
CA ASN A 235 -4.86 7.63 10.57
C ASN A 235 -4.39 8.79 11.46
N PHE A 236 -4.56 10.06 11.03
CA PHE A 236 -4.23 11.17 11.92
C PHE A 236 -5.27 12.32 11.84
N ALA A 237 -5.20 13.20 10.83
CA ALA A 237 -6.09 14.38 10.74
C ALA A 237 -7.55 14.09 11.03
N PHE A 238 -8.20 13.14 10.31
CA PHE A 238 -9.64 12.89 10.51
C PHE A 238 -9.93 12.15 11.82
N PRO A 239 -9.24 11.06 12.25
CA PRO A 239 -9.53 10.51 13.57
C PRO A 239 -9.34 11.56 14.69
N TYR A 240 -8.34 12.47 14.56
CA TYR A 240 -8.08 13.52 15.57
C TYR A 240 -9.23 14.55 15.58
N LEU A 241 -9.71 15.00 14.38
CA LEU A 241 -10.84 15.92 14.27
C LEU A 241 -12.09 15.32 14.90
N LEU A 242 -12.35 14.02 14.66
CA LEU A 242 -13.49 13.31 15.21
C LEU A 242 -13.39 13.21 16.73
N LYS A 243 -12.18 12.93 17.28
CA LYS A 243 -11.94 12.85 18.73
C LYS A 243 -12.22 14.19 19.44
N ARG A 244 -11.70 15.27 18.88
CA ARG A 244 -11.86 16.62 19.44
C ARG A 244 -13.31 17.13 19.26
N ALA A 245 -13.96 16.82 18.14
CA ALA A 245 -15.35 17.24 17.91
C ALA A 245 -16.28 16.55 18.91
N GLU A 246 -15.95 15.30 19.27
CA GLU A 246 -16.70 14.51 20.26
C GLU A 246 -16.57 15.15 21.64
N LYS A 247 -15.33 15.48 22.04
CA LYS A 247 -14.97 16.13 23.30
C LYS A 247 -15.72 17.46 23.44
N LEU A 248 -15.70 18.25 22.35
CA LEU A 248 -16.31 19.58 22.26
C LEU A 248 -17.83 19.52 21.98
N GLY A 249 -18.36 18.34 21.74
CA GLY A 249 -19.79 18.15 21.48
C GLY A 249 -20.29 18.85 20.24
N ILE A 250 -19.51 18.80 19.15
CA ILE A 250 -19.93 19.42 17.90
C ILE A 250 -19.88 18.37 16.80
N LYS A 251 -20.71 18.55 15.78
CA LYS A 251 -20.82 17.64 14.63
C LYS A 251 -19.93 18.13 13.50
N LEU A 252 -19.49 17.19 12.61
CA LEU A 252 -18.69 17.49 11.42
C LEU A 252 -19.47 17.10 10.15
N PRO A 253 -20.54 17.87 9.75
CA PRO A 253 -21.31 17.48 8.55
C PRO A 253 -20.57 17.77 7.24
N LEU A 254 -19.55 16.92 6.94
CA LEU A 254 -18.68 17.07 5.78
C LEU A 254 -19.18 16.29 4.55
N GLY A 255 -20.03 15.29 4.79
CA GLY A 255 -20.65 14.53 3.72
C GLY A 255 -21.63 15.39 2.95
N ARG A 256 -21.85 15.07 1.66
CA ARG A 256 -22.78 15.85 0.82
C ARG A 256 -24.24 15.56 1.20
N ASP A 257 -24.44 14.58 2.09
CA ASP A 257 -25.75 14.23 2.67
C ASP A 257 -25.76 14.68 4.14
N ASN A 258 -24.78 15.54 4.53
CA ASN A 258 -24.53 16.11 5.87
C ASN A 258 -24.03 15.07 6.88
N SER A 259 -23.57 13.91 6.41
CA SER A 259 -23.06 12.88 7.29
C SER A 259 -21.66 13.24 7.76
N GLU A 260 -21.24 12.60 8.87
CA GLU A 260 -19.93 12.83 9.46
C GLU A 260 -18.85 12.00 8.75
N PRO A 261 -17.53 12.37 8.79
CA PRO A 261 -16.52 11.47 8.17
C PRO A 261 -16.61 10.10 8.84
N LYS A 262 -16.55 9.02 8.05
CA LYS A 262 -16.71 7.67 8.58
C LYS A 262 -15.39 6.88 8.57
N MET A 263 -14.98 6.46 9.78
CA MET A 263 -13.80 5.67 10.07
C MET A 263 -14.09 4.19 9.86
N GLN A 264 -13.39 3.58 8.91
CA GLN A 264 -13.50 2.17 8.55
C GLN A 264 -12.21 1.48 8.95
N ARG A 265 -12.32 0.36 9.68
CA ARG A 265 -11.17 -0.42 10.11
C ARG A 265 -10.64 -1.18 8.92
N MET A 266 -9.52 -0.73 8.35
CA MET A 266 -8.92 -1.38 7.19
C MET A 266 -7.59 -1.97 7.65
N GLY A 267 -7.68 -3.23 8.09
CA GLY A 267 -6.55 -3.96 8.64
C GLY A 267 -6.31 -3.60 10.08
N ASP A 268 -5.02 -3.44 10.43
CA ASP A 268 -4.58 -3.05 11.77
C ASP A 268 -4.70 -1.51 11.93
N SER A 269 -5.00 -0.79 10.82
CA SER A 269 -5.13 0.66 10.78
C SER A 269 -6.59 1.13 10.39
N LEU A 270 -6.73 2.41 9.98
CA LEU A 270 -8.00 3.02 9.61
C LEU A 270 -7.98 3.60 8.22
N ALA A 271 -9.19 3.81 7.65
CA ALA A 271 -9.48 4.52 6.41
C ALA A 271 -10.73 5.35 6.65
N VAL A 272 -10.72 6.59 6.17
CA VAL A 272 -11.82 7.51 6.40
C VAL A 272 -12.52 7.85 5.10
N GLU A 273 -13.85 7.75 5.09
CA GLU A 273 -14.64 8.15 3.93
C GLU A 273 -15.53 9.37 4.25
N ILE A 274 -15.75 10.22 3.22
CA ILE A 274 -16.61 11.41 3.28
C ILE A 274 -17.60 11.22 2.14
N LYS A 275 -18.87 10.91 2.49
CA LYS A 275 -19.93 10.61 1.53
C LYS A 275 -20.15 11.73 0.52
N GLY A 276 -20.30 11.33 -0.74
CA GLY A 276 -20.52 12.24 -1.86
C GLY A 276 -19.25 12.82 -2.42
N ARG A 277 -18.10 12.56 -1.75
CA ARG A 277 -16.74 13.03 -2.10
C ARG A 277 -15.76 11.89 -2.18
N ILE A 278 -14.53 12.22 -2.63
CA ILE A 278 -13.41 11.28 -2.61
C ILE A 278 -12.41 11.75 -1.56
N HIS A 279 -12.26 11.03 -0.42
CA HIS A 279 -11.20 11.38 0.53
C HIS A 279 -9.93 10.73 -0.01
N PHE A 280 -9.09 11.53 -0.66
CA PHE A 280 -7.87 11.01 -1.24
C PHE A 280 -6.70 11.19 -0.27
N ASP A 281 -6.33 10.11 0.45
CA ASP A 281 -5.17 10.14 1.35
C ASP A 281 -3.96 9.78 0.52
N LEU A 282 -3.01 10.69 0.39
CA LEU A 282 -1.80 10.49 -0.42
C LEU A 282 -0.83 9.47 0.16
N PHE A 283 -0.84 9.26 1.48
CA PHE A 283 0.13 8.38 2.15
C PHE A 283 0.13 6.95 1.57
N PRO A 284 -1.00 6.20 1.45
CA PRO A 284 -0.90 4.85 0.86
C PRO A 284 -0.55 4.91 -0.64
N VAL A 285 -1.07 5.93 -1.36
CA VAL A 285 -0.83 6.14 -2.80
C VAL A 285 0.69 6.24 -3.06
N ILE A 286 1.38 7.24 -2.46
CA ILE A 286 2.79 7.52 -2.72
C ILE A 286 3.69 6.35 -2.25
N ARG A 287 3.39 5.76 -1.09
CA ARG A 287 4.09 4.60 -0.55
C ARG A 287 4.24 3.44 -1.58
N ARG A 288 3.26 3.26 -2.49
N ARG A 288 3.24 3.25 -2.48
CA ARG A 288 3.30 2.21 -3.53
CA ARG A 288 3.21 2.20 -3.53
C ARG A 288 4.00 2.66 -4.81
C ARG A 288 3.91 2.64 -4.83
N THR A 289 3.82 3.93 -5.16
CA THR A 289 4.34 4.48 -6.40
C THR A 289 5.86 4.63 -6.40
N ILE A 290 6.45 5.17 -5.33
CA ILE A 290 7.88 5.42 -5.31
C ILE A 290 8.56 4.69 -4.13
N ASN A 291 9.89 4.57 -4.21
CA ASN A 291 10.76 3.94 -3.20
C ASN A 291 11.50 5.03 -2.40
N LEU A 292 11.25 5.08 -1.11
CA LEU A 292 11.88 6.00 -0.15
C LEU A 292 12.12 5.25 1.13
N PRO A 293 13.21 5.50 1.88
CA PRO A 293 13.38 4.80 3.16
C PRO A 293 12.29 5.21 4.16
N THR A 294 11.86 6.50 4.13
CA THR A 294 10.82 7.06 4.99
C THR A 294 9.91 7.99 4.17
N TYR A 295 8.59 7.80 4.28
CA TYR A 295 7.61 8.57 3.54
C TYR A 295 7.06 9.71 4.36
N THR A 296 7.94 10.60 4.80
CA THR A 296 7.48 11.82 5.45
C THR A 296 7.04 12.76 4.32
N LEU A 297 6.14 13.71 4.59
CA LEU A 297 5.71 14.66 3.57
C LEU A 297 6.91 15.40 2.99
N GLU A 298 7.88 15.81 3.85
CA GLU A 298 9.07 16.55 3.42
C GLU A 298 9.95 15.70 2.47
N ALA A 299 10.12 14.38 2.78
CA ALA A 299 10.92 13.48 1.93
C ALA A 299 10.23 13.24 0.59
N VAL A 300 8.89 13.08 0.63
CA VAL A 300 8.01 12.84 -0.53
C VAL A 300 8.02 14.05 -1.48
N TYR A 301 7.79 15.26 -0.94
CA TYR A 301 7.74 16.50 -1.70
C TYR A 301 9.02 16.72 -2.50
N GLU A 302 10.19 16.49 -1.86
CA GLU A 302 11.53 16.66 -2.43
C GLU A 302 11.80 15.64 -3.54
N ALA A 303 11.41 14.37 -3.35
CA ALA A 303 11.57 13.31 -4.33
C ALA A 303 10.79 13.60 -5.64
N ILE A 304 9.59 14.25 -5.54
CA ILE A 304 8.75 14.53 -6.70
C ILE A 304 9.03 15.92 -7.32
N PHE A 305 9.16 16.97 -6.49
CA PHE A 305 9.33 18.32 -7.03
C PHE A 305 10.76 18.87 -7.01
N GLY A 306 11.72 18.12 -6.41
CA GLY A 306 13.13 18.49 -6.34
C GLY A 306 13.42 19.75 -5.55
N LYS A 307 12.56 20.05 -4.55
CA LYS A 307 12.67 21.21 -3.67
C LYS A 307 12.60 20.77 -2.22
N SER A 308 13.36 21.43 -1.34
CA SER A 308 13.37 21.14 0.10
C SER A 308 12.14 21.73 0.79
N LYS A 309 11.67 21.04 1.86
CA LYS A 309 10.57 21.49 2.70
C LYS A 309 11.03 21.35 4.15
N GLU A 310 10.97 22.42 4.94
CA GLU A 310 11.37 22.31 6.35
C GLU A 310 10.31 21.57 7.20
N LYS A 311 10.78 20.70 8.12
CA LYS A 311 9.95 20.01 9.11
C LYS A 311 10.06 20.76 10.44
N VAL A 312 8.90 21.07 11.06
CA VAL A 312 8.84 21.68 12.39
C VAL A 312 8.27 20.58 13.27
N TYR A 313 9.10 20.05 14.16
CA TYR A 313 8.79 18.88 14.99
C TYR A 313 7.77 19.20 16.07
N ALA A 314 7.07 18.14 16.54
CA ALA A 314 6.00 18.22 17.54
C ALA A 314 6.42 19.00 18.77
N HIS A 315 7.65 18.77 19.28
CA HIS A 315 8.13 19.48 20.47
C HIS A 315 8.32 20.98 20.19
N GLU A 316 8.77 21.36 18.97
CA GLU A 316 8.94 22.77 18.63
C GLU A 316 7.56 23.48 18.58
N ILE A 317 6.54 22.79 18.06
CA ILE A 317 5.16 23.23 17.92
C ILE A 317 4.56 23.46 19.33
N ALA A 318 4.68 22.46 20.23
CA ALA A 318 4.20 22.55 21.59
C ALA A 318 4.85 23.73 22.33
N GLU A 319 6.18 23.91 22.16
CA GLU A 319 6.93 24.97 22.81
C GLU A 319 6.43 26.35 22.36
N ALA A 320 6.22 26.54 21.04
CA ALA A 320 5.76 27.81 20.48
C ALA A 320 4.35 28.13 20.92
N TRP A 321 3.48 27.14 20.96
CA TRP A 321 2.09 27.33 21.39
C TRP A 321 2.00 27.75 22.86
N GLU A 322 2.63 26.97 23.76
CA GLU A 322 2.62 27.18 25.22
C GLU A 322 3.37 28.45 25.65
N THR A 323 4.50 28.80 25.00
CA THR A 323 5.23 30.03 25.37
C THR A 323 4.67 31.27 24.64
N GLY A 324 4.08 31.05 23.46
CA GLY A 324 3.52 32.10 22.63
C GLY A 324 4.58 32.71 21.73
N LYS A 325 5.79 32.16 21.77
CA LYS A 325 6.93 32.65 21.00
C LYS A 325 7.24 31.77 19.77
N GLY A 326 7.42 32.42 18.61
CA GLY A 326 7.75 31.75 17.35
C GLY A 326 6.59 31.03 16.70
N LEU A 327 5.35 31.54 16.89
CA LEU A 327 4.12 30.98 16.34
C LEU A 327 4.02 31.21 14.82
N GLU A 328 4.75 32.22 14.29
CA GLU A 328 4.75 32.53 12.87
C GLU A 328 5.40 31.37 12.10
N ARG A 329 6.42 30.72 12.72
CA ARG A 329 7.14 29.59 12.15
C ARG A 329 6.21 28.39 12.06
N VAL A 330 5.38 28.16 13.10
CA VAL A 330 4.45 27.04 13.18
C VAL A 330 3.31 27.25 12.17
N ALA A 331 2.79 28.49 12.05
CA ALA A 331 1.76 28.85 11.08
C ALA A 331 2.28 28.68 9.65
N LYS A 332 3.56 29.03 9.37
CA LYS A 332 4.17 28.85 8.04
C LYS A 332 4.27 27.35 7.72
N TYR A 333 4.66 26.52 8.72
CA TYR A 333 4.74 25.07 8.59
C TYR A 333 3.36 24.47 8.22
N SER A 334 2.30 24.89 8.94
CA SER A 334 0.91 24.46 8.73
C SER A 334 0.44 24.82 7.31
N MET A 335 0.73 26.05 6.86
CA MET A 335 0.38 26.55 5.54
C MET A 335 1.06 25.72 4.44
N GLU A 336 2.39 25.50 4.55
CA GLU A 336 3.18 24.73 3.58
C GLU A 336 2.71 23.28 3.53
N ASP A 337 2.27 22.71 4.69
CA ASP A 337 1.76 21.35 4.74
C ASP A 337 0.52 21.23 3.83
N ALA A 338 -0.44 22.17 3.94
CA ALA A 338 -1.63 22.20 3.07
C ALA A 338 -1.24 22.49 1.61
N LYS A 339 -0.35 23.49 1.38
CA LYS A 339 0.10 23.89 0.05
C LYS A 339 0.69 22.73 -0.75
N VAL A 340 1.64 22.01 -0.17
CA VAL A 340 2.28 20.90 -0.89
C VAL A 340 1.32 19.68 -0.96
N THR A 341 0.38 19.53 0.01
CA THR A 341 -0.58 18.40 -0.02
C THR A 341 -1.47 18.59 -1.27
N PHE A 342 -1.88 19.85 -1.56
CA PHE A 342 -2.65 20.18 -2.76
C PHE A 342 -1.85 19.85 -4.02
N GLU A 343 -0.59 20.29 -4.05
CA GLU A 343 0.32 20.11 -5.19
C GLU A 343 0.55 18.63 -5.46
N LEU A 344 0.80 17.86 -4.38
CA LEU A 344 1.00 16.42 -4.53
C LEU A 344 -0.28 15.71 -5.00
N GLY A 345 -1.44 16.13 -4.49
CA GLY A 345 -2.74 15.56 -4.86
C GLY A 345 -3.03 15.67 -6.34
N LYS A 346 -2.76 16.85 -6.91
CA LYS A 346 -2.95 17.12 -8.34
C LYS A 346 -2.02 16.26 -9.19
N GLU A 347 -0.81 16.00 -8.68
CA GLU A 347 0.22 15.21 -9.32
C GLU A 347 -0.18 13.72 -9.39
N PHE A 348 -0.63 13.16 -8.26
CA PHE A 348 -0.92 11.74 -8.11
C PHE A 348 -2.36 11.30 -8.39
N PHE A 349 -3.33 12.22 -8.36
CA PHE A 349 -4.70 11.82 -8.63
C PHE A 349 -4.97 11.26 -10.06
N PRO A 350 -4.44 11.84 -11.18
CA PRO A 350 -4.86 11.38 -12.52
C PRO A 350 -4.64 9.89 -12.78
N MET A 351 -3.51 9.35 -12.32
CA MET A 351 -3.16 7.93 -12.46
C MET A 351 -4.08 7.05 -11.64
N GLU A 352 -4.45 7.49 -10.40
CA GLU A 352 -5.39 6.72 -9.57
C GLU A 352 -6.77 6.75 -10.22
N ALA A 353 -7.15 7.87 -10.88
CA ALA A 353 -8.44 7.98 -11.55
C ALA A 353 -8.52 7.01 -12.74
N GLN A 354 -7.41 6.83 -13.48
CA GLN A 354 -7.38 5.93 -14.64
C GLN A 354 -7.36 4.47 -14.20
N LEU A 355 -6.67 4.18 -13.10
CA LEU A 355 -6.65 2.83 -12.55
C LEU A 355 -8.08 2.45 -12.08
N ALA A 356 -8.82 3.41 -11.43
CA ALA A 356 -10.21 3.20 -10.98
C ALA A 356 -11.09 2.82 -12.15
N ARG A 357 -11.00 3.59 -13.24
CA ARG A 357 -11.73 3.40 -14.49
C ARG A 357 -11.42 2.00 -15.09
N LEU A 358 -10.13 1.66 -15.21
CA LEU A 358 -9.65 0.38 -15.76
C LEU A 358 -10.18 -0.85 -14.99
N VAL A 359 -10.15 -0.80 -13.68
CA VAL A 359 -10.54 -1.87 -12.75
C VAL A 359 -12.08 -1.82 -12.46
N GLY A 360 -12.70 -0.66 -12.67
CA GLY A 360 -14.14 -0.47 -12.51
C GLY A 360 -14.59 -0.43 -11.08
N GLN A 361 -13.81 0.28 -10.22
CA GLN A 361 -14.13 0.46 -8.80
C GLN A 361 -13.73 1.89 -8.42
N PRO A 362 -14.37 2.49 -7.38
CA PRO A 362 -14.10 3.91 -7.06
C PRO A 362 -12.67 4.18 -6.63
N VAL A 363 -12.18 5.42 -6.86
CA VAL A 363 -10.83 5.87 -6.46
C VAL A 363 -10.63 5.64 -4.97
N TRP A 364 -11.67 5.85 -4.13
CA TRP A 364 -11.49 5.71 -2.69
C TRP A 364 -10.88 4.33 -2.40
N ASP A 365 -11.49 3.28 -2.96
CA ASP A 365 -11.08 1.90 -2.78
C ASP A 365 -9.77 1.58 -3.51
N VAL A 366 -9.66 1.98 -4.79
CA VAL A 366 -8.51 1.69 -5.66
C VAL A 366 -7.20 2.36 -5.10
N SER A 367 -7.28 3.59 -4.56
CA SER A 367 -6.09 4.29 -4.05
C SER A 367 -5.54 3.64 -2.78
N ARG A 368 -6.38 2.87 -2.08
CA ARG A 368 -6.01 2.20 -0.83
C ARG A 368 -5.77 0.70 -1.04
N SER A 369 -5.53 0.26 -2.27
CA SER A 369 -5.36 -1.18 -2.43
C SER A 369 -4.07 -1.55 -3.16
N SER A 370 -3.58 -2.78 -2.89
CA SER A 370 -2.43 -3.38 -3.55
C SER A 370 -2.75 -3.67 -5.02
N THR A 371 -1.72 -3.94 -5.85
CA THR A 371 -1.95 -4.29 -7.26
C THR A 371 -2.62 -5.66 -7.35
N GLY A 372 -2.44 -6.50 -6.33
CA GLY A 372 -3.06 -7.81 -6.26
C GLY A 372 -4.57 -7.70 -6.21
N ASN A 373 -5.09 -6.73 -5.42
CA ASN A 373 -6.52 -6.46 -5.30
C ASN A 373 -7.03 -5.74 -6.50
N LEU A 374 -6.22 -4.91 -7.17
CA LEU A 374 -6.62 -4.25 -8.41
C LEU A 374 -6.87 -5.29 -9.47
N VAL A 375 -5.98 -6.29 -9.57
CA VAL A 375 -6.13 -7.42 -10.53
C VAL A 375 -7.43 -8.18 -10.20
N GLU A 376 -7.65 -8.53 -8.91
CA GLU A 376 -8.81 -9.30 -8.51
C GLU A 376 -10.13 -8.57 -8.81
N TRP A 377 -10.19 -7.26 -8.56
CA TRP A 377 -11.38 -6.47 -8.89
C TRP A 377 -11.66 -6.46 -10.41
N PHE A 378 -10.59 -6.40 -11.24
CA PHE A 378 -10.66 -6.43 -12.69
C PHE A 378 -11.20 -7.82 -13.15
N LEU A 379 -10.67 -8.91 -12.53
CA LEU A 379 -11.07 -10.28 -12.85
C LEU A 379 -12.52 -10.61 -12.45
N LEU A 380 -13.00 -10.09 -11.28
CA LEU A 380 -14.38 -10.32 -10.82
C LEU A 380 -15.40 -9.73 -11.77
N ARG A 381 -15.08 -8.55 -12.31
CA ARG A 381 -15.92 -7.88 -13.28
C ARG A 381 -15.93 -8.65 -14.59
N LYS A 382 -14.76 -9.12 -15.07
CA LYS A 382 -14.62 -9.87 -16.32
C LYS A 382 -15.30 -11.24 -16.19
N ALA A 383 -15.25 -11.87 -14.99
CA ALA A 383 -15.94 -13.13 -14.73
C ALA A 383 -17.46 -12.95 -14.89
N TYR A 384 -18.02 -11.83 -14.39
CA TYR A 384 -19.45 -11.54 -14.55
C TYR A 384 -19.81 -11.38 -16.03
N GLU A 385 -19.04 -10.53 -16.75
CA GLU A 385 -19.18 -10.29 -18.17
C GLU A 385 -19.14 -11.59 -18.97
N ARG A 386 -18.32 -12.58 -18.54
CA ARG A 386 -18.13 -13.86 -19.24
C ARG A 386 -18.95 -15.03 -18.65
N ASN A 387 -19.78 -14.78 -17.64
CA ASN A 387 -20.62 -15.81 -17.00
C ASN A 387 -19.72 -16.92 -16.42
N GLU A 388 -18.63 -16.49 -15.77
CA GLU A 388 -17.69 -17.35 -15.12
C GLU A 388 -17.86 -17.16 -13.63
N LEU A 389 -18.17 -18.26 -12.95
CA LEU A 389 -18.31 -18.29 -11.49
C LEU A 389 -16.93 -18.00 -10.88
N ALA A 390 -16.86 -17.11 -9.91
CA ALA A 390 -15.56 -16.80 -9.34
C ALA A 390 -15.16 -17.85 -8.31
N PRO A 391 -13.88 -18.27 -8.27
CA PRO A 391 -13.43 -19.14 -7.18
C PRO A 391 -13.44 -18.33 -5.89
N ASN A 392 -13.44 -19.02 -4.77
CA ASN A 392 -13.46 -18.40 -3.46
C ASN A 392 -12.09 -18.00 -2.97
N LYS A 393 -12.06 -17.02 -2.08
CA LYS A 393 -10.85 -16.63 -1.38
C LYS A 393 -10.48 -17.81 -0.48
N PRO A 394 -9.18 -18.04 -0.19
CA PRO A 394 -8.83 -19.20 0.65
C PRO A 394 -9.24 -19.03 2.10
N ASP A 395 -9.43 -20.16 2.83
CA ASP A 395 -9.65 -20.14 4.28
C ASP A 395 -8.27 -19.94 4.95
N GLU A 396 -8.20 -19.74 6.28
CA GLU A 396 -6.93 -19.49 6.97
C GLU A 396 -5.90 -20.60 6.68
N ARG A 397 -6.30 -21.89 6.86
CA ARG A 397 -5.46 -23.07 6.61
C ARG A 397 -4.89 -23.08 5.19
N GLU A 398 -5.73 -22.83 4.15
CA GLU A 398 -5.29 -22.79 2.75
C GLU A 398 -4.33 -21.65 2.51
N TYR A 399 -4.66 -20.45 3.03
CA TYR A 399 -3.83 -19.25 2.94
C TYR A 399 -2.42 -19.53 3.51
N GLU A 400 -2.38 -20.23 4.67
CA GLU A 400 -1.16 -20.65 5.37
C GLU A 400 -0.39 -21.70 4.54
N ARG A 401 -1.10 -22.71 3.96
CA ARG A 401 -0.53 -23.76 3.11
C ARG A 401 0.10 -23.13 1.87
N ARG A 402 -0.49 -22.02 1.36
CA ARG A 402 0.01 -21.28 0.19
C ARG A 402 1.28 -20.53 0.52
N LEU A 403 1.36 -19.91 1.73
CA LEU A 403 2.55 -19.18 2.19
C LEU A 403 3.75 -20.11 2.37
N ARG A 404 3.50 -21.41 2.64
CA ARG A 404 4.51 -22.45 2.86
C ARG A 404 4.88 -23.24 1.57
N GLU A 405 4.28 -22.91 0.41
CA GLU A 405 4.56 -23.59 -0.87
C GLU A 405 5.92 -23.21 -1.42
N SER A 406 6.72 -24.22 -1.82
CA SER A 406 8.07 -24.05 -2.37
C SER A 406 8.06 -24.13 -3.89
N TYR A 407 8.70 -23.14 -4.52
CA TYR A 407 8.80 -22.96 -5.96
C TYR A 407 10.17 -23.41 -6.50
N GLU A 408 10.17 -24.36 -7.47
CA GLU A 408 11.40 -24.85 -8.09
C GLU A 408 11.81 -23.87 -9.20
N GLY A 409 13.11 -23.71 -9.40
CA GLY A 409 13.66 -22.76 -10.36
C GLY A 409 13.91 -21.42 -9.68
N LYS A 413 20.14 -15.81 -8.47
CA LYS A 413 21.41 -16.21 -7.83
C LYS A 413 21.81 -15.27 -6.69
N GLU A 414 22.82 -15.66 -5.85
CA GLU A 414 23.23 -14.72 -4.82
C GLU A 414 24.10 -13.64 -5.49
N PRO A 415 24.03 -12.39 -5.01
CA PRO A 415 24.73 -11.35 -5.75
C PRO A 415 26.23 -11.32 -5.49
N GLU A 416 26.96 -10.55 -6.32
CA GLU A 416 28.39 -10.35 -6.18
C GLU A 416 28.65 -9.57 -4.91
N LYS A 417 29.75 -9.88 -4.24
CA LYS A 417 30.13 -9.22 -3.00
C LYS A 417 30.88 -7.91 -3.31
N GLY A 418 31.07 -7.08 -2.31
CA GLY A 418 31.84 -5.86 -2.43
C GLY A 418 31.13 -4.64 -2.98
N LEU A 419 31.90 -3.57 -3.10
CA LEU A 419 31.40 -2.29 -3.55
C LEU A 419 31.71 -2.08 -5.02
N TRP A 420 30.65 -1.86 -5.81
CA TRP A 420 30.74 -1.68 -7.26
C TRP A 420 30.46 -0.24 -7.67
N GLU A 421 31.05 0.20 -8.78
CA GLU A 421 30.93 1.53 -9.36
C GLU A 421 30.27 1.51 -10.72
N GLY A 422 29.56 2.59 -11.05
CA GLY A 422 28.89 2.75 -12.34
C GLY A 422 27.98 1.61 -12.72
N ILE A 423 26.85 1.52 -12.03
CA ILE A 423 25.87 0.44 -12.14
C ILE A 423 24.63 0.85 -12.95
N VAL A 424 24.30 0.05 -13.97
CA VAL A 424 23.08 0.22 -14.77
C VAL A 424 22.04 -0.77 -14.25
N SER A 425 20.80 -0.31 -14.12
CA SER A 425 19.67 -1.13 -13.71
C SER A 425 18.79 -1.44 -14.91
N LEU A 426 18.49 -2.71 -15.16
CA LEU A 426 17.60 -3.18 -16.25
C LEU A 426 16.37 -3.86 -15.63
N ASP A 427 15.20 -3.60 -16.22
CA ASP A 427 13.89 -4.08 -15.75
C ASP A 427 13.30 -5.14 -16.72
N PHE A 428 12.88 -6.34 -16.20
CA PHE A 428 12.31 -7.47 -16.98
C PHE A 428 10.80 -7.58 -16.96
N ARG A 429 10.11 -6.89 -16.06
CA ARG A 429 8.68 -7.01 -15.78
C ARG A 429 7.74 -7.06 -17.01
N SER A 430 8.06 -6.34 -18.11
CA SER A 430 7.21 -6.30 -19.30
C SER A 430 7.38 -7.52 -20.19
N LEU A 431 8.15 -8.51 -19.73
CA LEU A 431 8.38 -9.79 -20.41
C LEU A 431 7.25 -10.78 -20.12
N TYR A 432 6.81 -10.84 -18.84
CA TYR A 432 5.87 -11.83 -18.31
C TYR A 432 4.45 -11.79 -18.89
N PRO A 433 3.74 -10.64 -19.12
CA PRO A 433 2.40 -10.74 -19.76
C PRO A 433 2.47 -11.49 -21.08
N SER A 434 3.49 -11.25 -21.90
CA SER A 434 3.63 -11.91 -23.20
C SER A 434 3.85 -13.41 -23.03
N ILE A 435 4.55 -13.84 -21.97
CA ILE A 435 4.77 -15.27 -21.71
C ILE A 435 3.42 -15.94 -21.33
N ILE A 436 2.62 -15.29 -20.45
CA ILE A 436 1.30 -15.78 -20.01
C ILE A 436 0.40 -16.02 -21.25
N ILE A 437 0.39 -15.05 -22.18
CA ILE A 437 -0.45 -15.12 -23.37
C ILE A 437 0.01 -16.21 -24.37
N THR A 438 1.31 -16.22 -24.74
CA THR A 438 1.77 -17.15 -25.75
C THR A 438 1.69 -18.60 -25.27
N HIS A 439 1.83 -18.85 -23.97
CA HIS A 439 1.81 -20.22 -23.47
C HIS A 439 0.49 -20.55 -22.78
N ASN A 440 -0.52 -19.69 -22.94
CA ASN A 440 -1.91 -19.86 -22.44
C ASN A 440 -1.92 -20.28 -20.98
N VAL A 441 -1.12 -19.57 -20.15
CA VAL A 441 -0.91 -19.91 -18.74
C VAL A 441 -2.10 -19.41 -17.91
N SER A 442 -2.92 -20.35 -17.44
CA SER A 442 -4.14 -20.07 -16.69
C SER A 442 -4.54 -21.25 -15.81
N PRO A 443 -5.23 -21.02 -14.65
CA PRO A 443 -5.60 -22.15 -13.80
C PRO A 443 -6.62 -23.07 -14.47
N ASP A 444 -7.42 -22.53 -15.43
CA ASP A 444 -8.45 -23.27 -16.20
C ASP A 444 -7.85 -24.07 -17.34
N THR A 445 -6.57 -23.85 -17.68
CA THR A 445 -5.92 -24.61 -18.77
C THR A 445 -4.88 -25.59 -18.22
N LEU A 446 -4.54 -25.47 -16.91
CA LEU A 446 -3.53 -26.32 -16.27
C LEU A 446 -4.00 -27.78 -16.19
N ASN A 447 -3.12 -28.70 -16.66
CA ASN A 447 -3.25 -30.16 -16.70
C ASN A 447 -4.69 -30.60 -16.97
N ARG A 448 -5.23 -30.18 -18.12
CA ARG A 448 -6.61 -30.46 -18.54
C ARG A 448 -6.77 -31.84 -19.13
N GLU A 449 -7.85 -32.52 -18.74
CA GLU A 449 -8.15 -33.85 -19.25
C GLU A 449 -8.70 -33.78 -20.65
N ASN A 450 -8.32 -34.79 -21.48
CA ASN A 450 -8.72 -35.01 -22.88
C ASN A 450 -8.37 -33.80 -23.75
N CYS A 451 -7.24 -33.18 -23.42
CA CYS A 451 -6.71 -32.04 -24.13
C CYS A 451 -5.95 -32.55 -25.36
N LYS A 452 -6.23 -31.96 -26.54
CA LYS A 452 -5.63 -32.39 -27.80
C LYS A 452 -4.19 -31.84 -27.93
N GLU A 453 -3.98 -30.54 -27.65
CA GLU A 453 -2.65 -29.92 -27.73
C GLU A 453 -2.33 -29.15 -26.47
N TYR A 454 -1.07 -29.20 -26.03
CA TYR A 454 -0.64 -28.47 -24.83
C TYR A 454 0.80 -28.02 -24.92
N ASP A 455 1.14 -26.99 -24.12
CA ASP A 455 2.46 -26.41 -23.91
C ASP A 455 2.97 -26.91 -22.58
N VAL A 456 4.22 -27.41 -22.55
CA VAL A 456 4.89 -27.97 -21.38
C VAL A 456 5.92 -26.95 -20.90
N ALA A 457 5.79 -26.51 -19.63
CA ALA A 457 6.73 -25.57 -19.04
C ALA A 457 8.11 -26.20 -18.90
N PRO A 458 9.20 -25.49 -19.31
CA PRO A 458 10.55 -26.07 -19.14
C PRO A 458 10.85 -26.33 -17.66
N GLN A 459 11.59 -27.42 -17.35
CA GLN A 459 12.06 -27.82 -16.00
C GLN A 459 10.93 -28.32 -15.08
N VAL A 460 9.85 -27.53 -14.91
CA VAL A 460 8.75 -27.87 -13.97
C VAL A 460 7.66 -28.78 -14.60
N GLY A 461 7.59 -28.79 -15.93
CA GLY A 461 6.74 -29.70 -16.69
C GLY A 461 5.25 -29.55 -16.62
N HIS A 462 4.73 -28.44 -16.06
CA HIS A 462 3.28 -28.22 -16.03
C HIS A 462 2.74 -28.06 -17.45
N ARG A 463 1.56 -28.68 -17.73
CA ARG A 463 0.91 -28.68 -19.05
C ARG A 463 -0.25 -27.71 -19.11
N PHE A 464 -0.26 -26.84 -20.12
CA PHE A 464 -1.33 -25.88 -20.31
C PHE A 464 -2.01 -26.15 -21.65
N CYS A 465 -3.29 -26.48 -21.58
CA CYS A 465 -4.13 -26.77 -22.73
C CYS A 465 -4.11 -25.59 -23.71
N LYS A 466 -3.96 -25.92 -25.01
CA LYS A 466 -3.97 -24.97 -26.13
C LYS A 466 -5.35 -24.94 -26.82
N ASP A 467 -6.30 -25.85 -26.45
CA ASP A 467 -7.60 -26.02 -27.13
C ASP A 467 -8.56 -24.85 -27.05
N PHE A 468 -8.43 -24.02 -26.04
CA PHE A 468 -9.27 -22.83 -25.86
C PHE A 468 -8.42 -21.77 -25.16
N PRO A 469 -8.60 -20.45 -25.41
CA PRO A 469 -7.79 -19.46 -24.66
C PRO A 469 -8.19 -19.48 -23.19
N GLY A 470 -7.20 -19.41 -22.32
CA GLY A 470 -7.45 -19.35 -20.89
C GLY A 470 -8.11 -18.03 -20.52
N PHE A 471 -8.85 -18.02 -19.40
CA PHE A 471 -9.53 -16.83 -18.91
C PHE A 471 -8.54 -15.67 -18.74
N ILE A 472 -7.44 -15.87 -17.98
CA ILE A 472 -6.45 -14.82 -17.73
C ILE A 472 -5.63 -14.48 -19.02
N PRO A 473 -5.07 -15.44 -19.83
CA PRO A 473 -4.41 -15.05 -21.09
C PRO A 473 -5.33 -14.24 -22.03
N SER A 474 -6.61 -14.60 -22.12
CA SER A 474 -7.59 -13.91 -22.94
C SER A 474 -7.71 -12.43 -22.54
N LEU A 475 -7.87 -12.17 -21.24
CA LEU A 475 -7.97 -10.80 -20.73
C LEU A 475 -6.69 -9.99 -20.94
N LEU A 476 -5.51 -10.58 -20.70
CA LEU A 476 -4.21 -9.92 -20.88
C LEU A 476 -3.98 -9.51 -22.34
N GLY A 477 -4.33 -10.41 -23.26
CA GLY A 477 -4.24 -10.19 -24.70
C GLY A 477 -5.01 -8.97 -25.13
N ASN A 478 -6.26 -8.82 -24.59
CA ASN A 478 -7.12 -7.67 -24.85
C ASN A 478 -6.51 -6.39 -24.25
N LEU A 479 -5.95 -6.47 -23.00
CA LEU A 479 -5.29 -5.31 -22.37
C LEU A 479 -4.11 -4.81 -23.23
N LEU A 480 -3.22 -5.74 -23.67
CA LEU A 480 -2.04 -5.38 -24.45
C LEU A 480 -2.42 -4.79 -25.79
N GLU A 481 -3.48 -5.32 -26.42
CA GLU A 481 -3.99 -4.83 -27.69
C GLU A 481 -4.55 -3.41 -27.53
N GLU A 482 -5.33 -3.18 -26.44
CA GLU A 482 -5.90 -1.88 -26.13
C GLU A 482 -4.78 -0.85 -25.88
N ARG A 483 -3.69 -1.26 -25.17
CA ARG A 483 -2.57 -0.35 -24.93
C ARG A 483 -1.89 0.05 -26.26
N GLN A 484 -1.74 -0.90 -27.21
CA GLN A 484 -1.11 -0.64 -28.51
C GLN A 484 -1.93 0.33 -29.33
N LYS A 485 -3.27 0.22 -29.24
CA LYS A 485 -4.20 1.13 -29.93
C LYS A 485 -4.03 2.53 -29.36
N ILE A 486 -4.01 2.66 -28.00
CA ILE A 486 -3.83 3.94 -27.29
C ILE A 486 -2.50 4.58 -27.73
N LYS A 487 -1.38 3.82 -27.69
CA LYS A 487 -0.05 4.32 -28.08
C LYS A 487 -0.05 4.83 -29.54
N LYS A 488 -0.78 4.13 -30.46
CA LYS A 488 -0.91 4.52 -31.87
C LYS A 488 -1.74 5.79 -32.00
N ARG A 489 -2.86 5.88 -31.25
CA ARG A 489 -3.73 7.06 -31.25
C ARG A 489 -2.94 8.28 -30.72
N MET A 490 -1.98 8.05 -29.79
CA MET A 490 -1.11 9.07 -29.20
C MET A 490 -0.16 9.67 -30.23
N LYS A 491 0.46 8.82 -31.08
CA LYS A 491 1.38 9.26 -32.16
C LYS A 491 0.62 10.13 -33.20
N GLU A 492 -0.63 9.76 -33.52
CA GLU A 492 -1.48 10.42 -34.51
C GLU A 492 -2.29 11.63 -33.96
N SER A 493 -2.14 11.98 -32.66
CA SER A 493 -2.89 13.09 -32.04
C SER A 493 -2.12 14.40 -32.03
N LYS A 494 -2.81 15.51 -32.36
CA LYS A 494 -2.26 16.87 -32.35
C LYS A 494 -2.66 17.61 -31.05
N ASP A 495 -3.77 17.16 -30.42
CA ASP A 495 -4.35 17.67 -29.16
C ASP A 495 -3.49 17.21 -27.96
N PRO A 496 -2.77 18.13 -27.27
CA PRO A 496 -1.92 17.69 -26.13
C PRO A 496 -2.72 17.28 -24.88
N VAL A 497 -4.01 17.67 -24.82
CA VAL A 497 -4.95 17.37 -23.73
C VAL A 497 -5.30 15.89 -23.81
N GLU A 498 -5.71 15.41 -25.01
CA GLU A 498 -6.06 14.02 -25.30
C GLU A 498 -4.83 13.15 -25.09
N LYS A 499 -3.66 13.60 -25.59
CA LYS A 499 -2.35 12.94 -25.48
C LYS A 499 -1.99 12.67 -24.02
N LYS A 500 -2.17 13.69 -23.13
CA LYS A 500 -1.86 13.61 -21.70
C LYS A 500 -2.74 12.57 -21.03
N LEU A 501 -4.04 12.59 -21.34
CA LEU A 501 -5.03 11.65 -20.84
C LEU A 501 -4.72 10.23 -21.33
N LEU A 502 -4.45 10.06 -22.66
CA LEU A 502 -4.11 8.76 -23.26
C LEU A 502 -2.80 8.21 -22.68
N ASP A 503 -1.86 9.10 -22.28
CA ASP A 503 -0.60 8.68 -21.67
C ASP A 503 -0.87 8.01 -20.33
N TYR A 504 -1.77 8.60 -19.53
CA TYR A 504 -2.17 8.02 -18.24
C TYR A 504 -2.86 6.66 -18.46
N ARG A 505 -3.79 6.58 -19.44
CA ARG A 505 -4.54 5.35 -19.74
C ARG A 505 -3.62 4.18 -20.12
N GLN A 506 -2.64 4.41 -21.02
CA GLN A 506 -1.69 3.38 -21.44
C GLN A 506 -0.73 2.97 -20.26
N ARG A 507 -0.39 3.89 -19.36
CA ARG A 507 0.44 3.57 -18.19
C ARG A 507 -0.34 2.68 -17.20
N ALA A 508 -1.69 2.92 -17.08
CA ALA A 508 -2.58 2.18 -16.19
C ALA A 508 -2.65 0.71 -16.63
N ILE A 509 -2.67 0.47 -17.95
CA ILE A 509 -2.73 -0.89 -18.50
C ILE A 509 -1.41 -1.60 -18.20
N LYS A 510 -0.28 -0.91 -18.46
CA LYS A 510 1.06 -1.44 -18.20
C LYS A 510 1.17 -1.87 -16.75
N ILE A 511 0.70 -1.01 -15.81
CA ILE A 511 0.73 -1.34 -14.38
C ILE A 511 -0.12 -2.59 -14.11
N LEU A 512 -1.40 -2.62 -14.59
CA LEU A 512 -2.29 -3.74 -14.36
C LEU A 512 -1.78 -5.04 -15.00
N ALA A 513 -1.35 -4.98 -16.24
CA ALA A 513 -0.85 -6.15 -16.97
C ALA A 513 0.39 -6.75 -16.30
N ASN A 514 1.31 -5.90 -15.79
CA ASN A 514 2.56 -6.31 -15.15
C ASN A 514 2.37 -6.83 -13.73
N SER A 515 1.11 -6.85 -13.25
CA SER A 515 0.75 -7.34 -11.92
C SER A 515 0.18 -8.77 -11.96
N TYR A 516 -0.07 -9.34 -13.15
CA TYR A 516 -0.65 -10.69 -13.24
C TYR A 516 0.31 -11.76 -12.78
N TYR A 517 1.60 -11.64 -13.20
CA TYR A 517 2.64 -12.61 -12.79
C TYR A 517 2.65 -12.73 -11.25
N GLY A 518 2.73 -11.60 -10.57
CA GLY A 518 2.71 -11.56 -9.11
C GLY A 518 1.43 -12.08 -8.51
N TYR A 519 0.29 -11.76 -9.15
CA TYR A 519 -1.03 -12.14 -8.70
C TYR A 519 -1.17 -13.67 -8.61
N TYR A 520 -0.62 -14.42 -9.61
CA TYR A 520 -0.67 -15.88 -9.63
C TYR A 520 -0.13 -16.51 -8.31
N GLY A 521 0.89 -15.91 -7.72
CA GLY A 521 1.50 -16.35 -6.47
C GLY A 521 1.03 -15.65 -5.20
N TYR A 522 0.07 -14.74 -5.31
CA TYR A 522 -0.49 -13.99 -4.19
C TYR A 522 -1.44 -14.93 -3.43
N ALA A 523 -1.08 -15.24 -2.18
CA ALA A 523 -1.74 -16.21 -1.28
C ALA A 523 -3.23 -15.96 -1.07
N LYS A 524 -3.67 -14.71 -1.15
CA LYS A 524 -5.07 -14.35 -0.96
C LYS A 524 -5.87 -14.42 -2.26
N ALA A 525 -5.21 -14.57 -3.43
CA ALA A 525 -5.87 -14.54 -4.74
C ALA A 525 -6.90 -15.63 -4.87
N ARG A 526 -8.06 -15.30 -5.51
CA ARG A 526 -9.11 -16.24 -5.87
C ARG A 526 -8.57 -17.14 -7.00
N TRP A 527 -7.94 -16.51 -8.02
CA TRP A 527 -7.36 -17.18 -9.18
C TRP A 527 -5.87 -17.47 -8.95
N TYR A 528 -5.51 -17.81 -7.68
CA TYR A 528 -4.17 -18.22 -7.28
C TYR A 528 -3.80 -19.46 -8.06
N CYS A 529 -2.54 -19.54 -8.54
CA CYS A 529 -2.08 -20.69 -9.29
C CYS A 529 -0.55 -20.77 -9.16
N LYS A 530 -0.10 -21.57 -8.21
CA LYS A 530 1.32 -21.84 -7.97
C LYS A 530 2.01 -22.34 -9.27
N GLU A 531 1.39 -23.34 -9.94
CA GLU A 531 1.94 -23.94 -11.15
C GLU A 531 2.02 -22.90 -12.29
N CYS A 532 1.05 -21.95 -12.34
CA CYS A 532 1.06 -20.84 -13.31
C CYS A 532 2.26 -19.92 -13.07
N ALA A 533 2.45 -19.48 -11.80
CA ALA A 533 3.58 -18.62 -11.41
C ALA A 533 4.91 -19.30 -11.72
N GLU A 534 5.05 -20.60 -11.38
CA GLU A 534 6.27 -21.39 -11.59
C GLU A 534 6.65 -21.49 -13.06
N SER A 535 5.64 -21.78 -13.90
CA SER A 535 5.75 -21.94 -15.34
C SER A 535 6.17 -20.63 -16.01
N VAL A 536 5.56 -19.47 -15.62
CA VAL A 536 5.92 -18.14 -16.13
C VAL A 536 7.39 -17.85 -15.78
N THR A 537 7.81 -18.24 -14.59
CA THR A 537 9.19 -18.10 -14.13
C THR A 537 10.13 -18.92 -15.03
N ALA A 538 9.79 -20.20 -15.25
CA ALA A 538 10.60 -21.13 -16.04
C ALA A 538 10.74 -20.67 -17.48
N TRP A 539 9.64 -20.21 -18.11
CA TRP A 539 9.71 -19.68 -19.47
C TRP A 539 10.43 -18.33 -19.50
N GLY A 540 10.20 -17.50 -18.47
CA GLY A 540 10.83 -16.20 -18.36
C GLY A 540 12.34 -16.27 -18.28
N ARG A 541 12.85 -17.26 -17.51
CA ARG A 541 14.29 -17.54 -17.27
C ARG A 541 15.11 -17.73 -18.55
N GLN A 542 14.51 -18.32 -19.61
CA GLN A 542 15.14 -18.53 -20.92
C GLN A 542 15.55 -17.19 -21.57
N TYR A 543 14.75 -16.13 -21.35
CA TYR A 543 15.00 -14.80 -21.86
C TYR A 543 16.01 -14.06 -20.96
N ILE A 544 15.90 -14.25 -19.63
CA ILE A 544 16.80 -13.66 -18.65
C ILE A 544 18.23 -14.19 -18.88
N ASP A 545 18.35 -15.52 -19.11
CA ASP A 545 19.62 -16.18 -19.39
C ASP A 545 20.19 -15.64 -20.71
N LEU A 546 19.33 -15.37 -21.69
CA LEU A 546 19.77 -14.79 -22.96
C LEU A 546 20.31 -13.36 -22.75
N VAL A 547 19.61 -12.55 -21.94
CA VAL A 547 20.00 -11.18 -21.62
C VAL A 547 21.35 -11.20 -20.88
N ARG A 548 21.50 -12.10 -19.87
CA ARG A 548 22.75 -12.23 -19.13
C ARG A 548 23.93 -12.63 -20.06
N ARG A 549 23.79 -13.67 -20.91
CA ARG A 549 24.87 -14.09 -21.82
C ARG A 549 25.30 -12.95 -22.76
N GLU A 550 24.32 -12.23 -23.35
CA GLU A 550 24.52 -11.12 -24.28
C GLU A 550 25.21 -9.95 -23.56
N LEU A 551 24.86 -9.70 -22.28
CA LEU A 551 25.53 -8.66 -21.48
C LEU A 551 26.99 -9.02 -21.25
N GLU A 552 27.27 -10.27 -20.84
CA GLU A 552 28.63 -10.73 -20.59
C GLU A 552 29.48 -10.77 -21.86
N SER A 553 28.88 -11.06 -23.04
CA SER A 553 29.62 -11.06 -24.31
C SER A 553 30.07 -9.64 -24.67
N ARG A 554 29.39 -8.61 -24.12
CA ARG A 554 29.67 -7.21 -24.35
C ARG A 554 30.56 -6.58 -23.24
N GLY A 555 31.16 -7.44 -22.39
CA GLY A 555 32.03 -7.01 -21.29
C GLY A 555 31.33 -6.63 -20.00
N PHE A 556 30.01 -6.74 -19.95
CA PHE A 556 29.28 -6.41 -18.72
C PHE A 556 29.40 -7.55 -17.69
N LYS A 557 29.45 -7.21 -16.42
CA LYS A 557 29.43 -8.14 -15.30
C LYS A 557 28.10 -7.96 -14.61
N VAL A 558 27.36 -9.06 -14.40
CA VAL A 558 26.06 -8.98 -13.75
C VAL A 558 26.30 -9.10 -12.27
N LEU A 559 25.97 -8.04 -11.54
CA LEU A 559 26.19 -7.94 -10.10
C LEU A 559 25.04 -8.54 -9.29
N TYR A 560 23.82 -8.41 -9.81
CA TYR A 560 22.59 -8.83 -9.15
C TYR A 560 21.53 -9.14 -10.16
N ILE A 561 20.76 -10.21 -9.93
CA ILE A 561 19.66 -10.58 -10.81
C ILE A 561 18.55 -11.28 -10.02
N ASP A 562 17.31 -10.84 -10.25
CA ASP A 562 16.12 -11.46 -9.69
C ASP A 562 15.02 -11.52 -10.80
N THR A 563 13.79 -11.98 -10.50
CA THR A 563 12.73 -12.08 -11.52
C THR A 563 12.28 -10.70 -12.06
N ASP A 564 12.52 -9.61 -11.32
CA ASP A 564 12.09 -8.27 -11.75
C ASP A 564 13.13 -7.51 -12.60
N GLY A 565 14.41 -7.81 -12.40
CA GLY A 565 15.47 -7.17 -13.15
C GLY A 565 16.87 -7.53 -12.72
N LEU A 566 17.83 -6.73 -13.18
CA LEU A 566 19.24 -6.94 -12.87
C LEU A 566 20.00 -5.61 -12.74
N TYR A 567 21.18 -5.71 -12.13
CA TYR A 567 22.14 -4.63 -12.00
C TYR A 567 23.45 -5.12 -12.59
N ALA A 568 24.10 -4.29 -13.39
CA ALA A 568 25.35 -4.66 -14.05
C ALA A 568 26.26 -3.46 -14.24
N THR A 569 27.53 -3.71 -14.55
CA THR A 569 28.54 -2.68 -14.82
C THR A 569 29.58 -3.26 -15.81
N ILE A 570 30.46 -2.41 -16.37
CA ILE A 570 31.61 -2.84 -17.18
C ILE A 570 32.78 -2.53 -16.24
N PRO A 571 33.32 -3.56 -15.52
CA PRO A 571 34.38 -3.27 -14.52
C PRO A 571 35.49 -2.37 -15.06
N GLY A 572 35.69 -1.26 -14.33
CA GLY A 572 36.69 -0.23 -14.60
C GLY A 572 36.43 0.69 -15.77
N ALA A 573 35.24 0.61 -16.42
CA ALA A 573 34.95 1.46 -17.55
C ALA A 573 34.49 2.86 -17.11
N LYS A 574 34.60 3.84 -18.03
CA LYS A 574 34.10 5.19 -17.86
C LYS A 574 32.58 5.13 -17.82
N HIS A 575 31.96 5.88 -16.91
CA HIS A 575 30.51 5.88 -16.68
C HIS A 575 29.67 6.20 -17.95
N GLU A 576 30.08 7.16 -18.79
CA GLU A 576 29.32 7.52 -20.01
C GLU A 576 29.34 6.39 -21.02
N GLU A 577 30.43 5.59 -21.04
CA GLU A 577 30.61 4.43 -21.89
C GLU A 577 29.65 3.32 -21.46
N ILE A 578 29.47 3.14 -20.13
CA ILE A 578 28.59 2.14 -19.53
C ILE A 578 27.18 2.50 -19.91
N LYS A 579 26.77 3.77 -19.71
CA LYS A 579 25.42 4.27 -20.04
C LYS A 579 25.10 4.04 -21.54
N GLU A 580 26.01 4.46 -22.45
CA GLU A 580 25.86 4.33 -23.91
C GLU A 580 25.74 2.88 -24.34
N LYS A 581 26.62 2.01 -23.81
CA LYS A 581 26.63 0.58 -24.14
C LYS A 581 25.36 -0.11 -23.65
N ALA A 582 24.85 0.26 -22.48
CA ALA A 582 23.62 -0.27 -21.89
C ALA A 582 22.39 0.13 -22.68
N LEU A 583 22.31 1.41 -23.10
CA LEU A 583 21.20 1.95 -23.90
C LEU A 583 21.15 1.27 -25.29
N LYS A 584 22.34 1.08 -25.91
CA LYS A 584 22.52 0.41 -27.20
C LYS A 584 22.15 -1.08 -27.08
N PHE A 585 22.45 -1.70 -25.92
CA PHE A 585 22.13 -3.10 -25.66
C PHE A 585 20.62 -3.30 -25.59
N VAL A 586 19.88 -2.44 -24.83
CA VAL A 586 18.43 -2.51 -24.67
C VAL A 586 17.72 -2.39 -26.03
N GLU A 587 18.15 -1.42 -26.87
CA GLU A 587 17.63 -1.19 -28.21
C GLU A 587 17.86 -2.44 -29.08
N TYR A 588 19.04 -3.07 -28.97
CA TYR A 588 19.42 -4.28 -29.72
C TYR A 588 18.57 -5.48 -29.32
N ILE A 589 18.52 -5.80 -28.01
CA ILE A 589 17.80 -6.96 -27.51
C ILE A 589 16.30 -6.89 -27.83
N ASN A 590 15.69 -5.70 -27.77
CA ASN A 590 14.28 -5.51 -28.05
C ASN A 590 13.99 -5.71 -29.54
N SER A 591 14.99 -5.50 -30.40
CA SER A 591 14.91 -5.73 -31.85
C SER A 591 14.99 -7.23 -32.13
N LYS A 592 15.53 -8.01 -31.17
CA LYS A 592 15.68 -9.45 -31.26
C LYS A 592 14.48 -10.17 -30.64
N LEU A 593 13.93 -9.66 -29.53
CA LEU A 593 12.80 -10.22 -28.81
C LEU A 593 11.52 -10.13 -29.64
N PRO A 594 10.77 -11.25 -29.77
CA PRO A 594 9.51 -11.19 -30.57
C PRO A 594 8.34 -10.59 -29.79
N GLY A 595 7.39 -10.06 -30.54
CA GLY A 595 6.16 -9.49 -30.00
C GLY A 595 6.36 -8.33 -29.06
N LEU A 596 5.54 -8.28 -28.00
CA LEU A 596 5.56 -7.20 -27.01
C LEU A 596 6.47 -7.52 -25.80
N LEU A 597 7.51 -8.39 -25.99
CA LEU A 597 8.52 -8.73 -24.98
C LEU A 597 9.48 -7.54 -24.90
N GLU A 598 9.58 -6.91 -23.72
CA GLU A 598 10.38 -5.70 -23.68
C GLU A 598 11.25 -5.59 -22.44
N LEU A 599 12.51 -5.23 -22.68
CA LEU A 599 13.52 -4.92 -21.69
C LEU A 599 13.59 -3.40 -21.57
N GLU A 600 13.76 -2.90 -20.35
CA GLU A 600 13.80 -1.46 -20.09
C GLU A 600 15.01 -1.10 -19.32
N TYR A 601 15.62 0.02 -19.72
CA TYR A 601 16.72 0.66 -19.03
C TYR A 601 16.06 1.45 -17.91
N GLU A 602 16.35 1.11 -16.68
CA GLU A 602 15.69 1.75 -15.56
C GLU A 602 16.47 2.97 -15.04
N GLY A 603 17.78 2.84 -14.86
CA GLY A 603 18.60 3.92 -14.33
C GLY A 603 20.06 3.58 -14.17
N PHE A 604 20.83 4.58 -13.70
CA PHE A 604 22.26 4.53 -13.47
C PHE A 604 22.57 5.01 -12.06
N TYR A 605 23.55 4.36 -11.43
CA TYR A 605 24.00 4.64 -10.06
C TYR A 605 25.49 4.75 -10.05
N ALA A 606 26.00 5.76 -9.32
CA ALA A 606 27.44 6.02 -9.18
C ALA A 606 28.14 4.82 -8.47
N ARG A 607 27.50 4.28 -7.39
CA ARG A 607 27.97 3.13 -6.62
C ARG A 607 26.83 2.34 -6.02
N GLY A 608 27.15 1.11 -5.60
CA GLY A 608 26.17 0.23 -4.97
C GLY A 608 26.75 -1.08 -4.51
N PHE A 609 26.02 -1.78 -3.66
CA PHE A 609 26.40 -3.09 -3.13
C PHE A 609 25.12 -3.88 -2.91
N PHE A 610 25.24 -5.20 -2.93
CA PHE A 610 24.12 -6.13 -2.92
C PHE A 610 24.35 -7.19 -1.88
N VAL A 611 23.38 -7.32 -0.95
CA VAL A 611 23.44 -8.27 0.17
C VAL A 611 22.81 -9.61 -0.25
N THR A 612 21.52 -9.59 -0.60
CA THR A 612 20.80 -10.78 -1.05
C THR A 612 19.58 -10.30 -1.87
N LYS A 613 18.59 -11.20 -2.12
CA LYS A 613 17.35 -10.91 -2.84
C LYS A 613 16.63 -9.73 -2.20
N LYS A 614 16.46 -8.66 -2.96
CA LYS A 614 15.77 -7.41 -2.59
C LYS A 614 16.32 -6.78 -1.31
N LYS A 615 17.65 -6.90 -1.09
CA LYS A 615 18.42 -6.32 0.01
C LYS A 615 19.69 -5.76 -0.62
N TYR A 616 19.70 -4.44 -0.87
CA TYR A 616 20.81 -3.76 -1.55
C TYR A 616 20.72 -2.25 -1.34
N ALA A 617 21.80 -1.56 -1.63
CA ALA A 617 21.91 -0.12 -1.46
C ALA A 617 22.73 0.46 -2.56
N LEU A 618 22.29 1.61 -3.07
CA LEU A 618 22.91 2.32 -4.20
C LEU A 618 22.97 3.83 -3.96
N ILE A 619 23.70 4.54 -4.80
CA ILE A 619 23.78 6.00 -4.74
C ILE A 619 23.82 6.52 -6.17
N ASP A 620 22.94 7.46 -6.53
CA ASP A 620 22.95 7.97 -7.90
C ASP A 620 23.97 9.09 -8.05
N GLU A 621 24.09 9.62 -9.27
CA GLU A 621 25.05 10.68 -9.59
C GLU A 621 24.73 12.04 -8.89
N GLU A 622 23.51 12.21 -8.36
CA GLU A 622 23.11 13.41 -7.63
C GLU A 622 23.34 13.25 -6.11
N GLY A 623 23.89 12.10 -5.70
CA GLY A 623 24.18 11.75 -4.31
C GLY A 623 23.04 11.24 -3.45
N LYS A 624 21.90 10.83 -4.07
CA LYS A 624 20.76 10.30 -3.31
C LYS A 624 20.93 8.81 -3.06
N ILE A 625 20.92 8.40 -1.79
CA ILE A 625 21.03 6.97 -1.45
C ILE A 625 19.67 6.31 -1.70
N VAL A 626 19.70 5.15 -2.35
CA VAL A 626 18.55 4.33 -2.71
C VAL A 626 18.77 2.91 -2.20
N THR A 627 17.94 2.47 -1.26
CA THR A 627 18.06 1.14 -0.68
C THR A 627 16.76 0.38 -0.80
N ARG A 628 16.88 -0.94 -0.59
CA ARG A 628 15.77 -1.86 -0.52
C ARG A 628 16.11 -2.93 0.53
N GLY A 629 15.19 -3.16 1.48
CA GLY A 629 15.25 -4.18 2.52
C GLY A 629 16.36 -4.12 3.56
N LEU A 630 16.88 -2.89 3.84
CA LEU A 630 17.98 -2.71 4.78
C LEU A 630 17.76 -1.62 5.84
N GLU A 631 17.25 -0.42 5.47
CA GLU A 631 17.11 0.72 6.43
C GLU A 631 16.08 0.47 7.50
N ILE A 632 16.39 0.92 8.75
CA ILE A 632 15.52 0.65 9.90
C ILE A 632 14.97 1.93 10.54
N VAL A 633 14.35 2.77 9.74
CA VAL A 633 13.76 4.00 10.28
C VAL A 633 12.32 3.69 10.83
N ARG A 634 12.26 3.37 12.15
CA ARG A 634 11.06 3.03 12.93
C ARG A 634 11.35 3.29 14.41
N ARG A 635 10.33 3.76 15.15
CA ARG A 635 10.43 4.20 16.55
C ARG A 635 10.79 3.07 17.54
N ASP A 636 10.56 1.78 17.20
CA ASP A 636 10.87 0.67 18.10
C ASP A 636 12.36 0.19 17.99
N TRP A 637 13.20 0.94 17.28
CA TRP A 637 14.67 0.80 17.22
C TRP A 637 15.29 2.08 17.81
N SER A 638 16.32 1.93 18.67
CA SER A 638 16.98 3.06 19.31
C SER A 638 17.69 3.95 18.28
N GLU A 639 17.83 5.26 18.62
CA GLU A 639 18.52 6.22 17.78
C GLU A 639 19.98 5.80 17.53
N ILE A 640 20.67 5.26 18.56
CA ILE A 640 22.06 4.82 18.42
C ILE A 640 22.18 3.76 17.28
N ALA A 641 21.22 2.80 17.16
CA ALA A 641 21.24 1.79 16.10
C ALA A 641 20.93 2.40 14.72
N LYS A 642 19.94 3.30 14.64
CA LYS A 642 19.55 3.94 13.38
C LYS A 642 20.62 4.94 12.90
N GLU A 643 21.22 5.72 13.83
CA GLU A 643 22.31 6.67 13.53
C GLU A 643 23.56 5.93 13.01
N THR A 644 23.96 4.82 13.69
CA THR A 644 25.12 4.02 13.30
C THR A 644 24.88 3.43 11.91
N GLN A 645 23.66 2.94 11.65
CA GLN A 645 23.35 2.35 10.34
C GLN A 645 23.48 3.42 9.23
N ALA A 646 22.92 4.64 9.44
CA ALA A 646 23.03 5.77 8.50
C ALA A 646 24.50 6.10 8.21
N LYS A 647 25.34 6.14 9.28
CA LYS A 647 26.78 6.43 9.21
C LYS A 647 27.50 5.35 8.38
N VAL A 648 27.19 4.08 8.61
CA VAL A 648 27.76 2.94 7.86
C VAL A 648 27.42 3.07 6.35
N LEU A 649 26.14 3.30 5.99
CA LEU A 649 25.73 3.47 4.60
C LEU A 649 26.43 4.69 3.96
N GLU A 650 26.56 5.79 4.71
CA GLU A 650 27.23 7.00 4.24
C GLU A 650 28.71 6.75 4.01
N ALA A 651 29.40 6.06 4.94
CA ALA A 651 30.83 5.76 4.78
C ALA A 651 31.04 4.92 3.53
N ILE A 652 30.18 3.90 3.32
CA ILE A 652 30.25 3.01 2.17
C ILE A 652 29.90 3.73 0.87
N LEU A 653 28.69 4.31 0.76
CA LEU A 653 28.22 4.90 -0.49
C LEU A 653 28.75 6.30 -0.80
N LYS A 654 28.85 7.18 0.19
CA LYS A 654 29.33 8.53 -0.03
C LYS A 654 30.85 8.57 0.00
N HIS A 655 31.50 7.71 0.79
CA HIS A 655 32.97 7.78 0.87
C HIS A 655 33.67 6.59 0.20
N GLY A 656 32.91 5.60 -0.28
CA GLY A 656 33.43 4.39 -0.92
C GLY A 656 34.36 3.64 0.01
N ASN A 657 34.13 3.77 1.35
CA ASN A 657 35.03 3.30 2.41
C ASN A 657 34.39 2.33 3.42
N VAL A 658 34.46 1.00 3.16
CA VAL A 658 33.93 -0.04 4.09
C VAL A 658 34.80 -0.11 5.38
N ASP A 659 36.09 0.19 5.25
CA ASP A 659 36.99 0.23 6.39
C ASP A 659 36.55 1.31 7.40
N GLU A 660 36.09 2.48 6.90
CA GLU A 660 35.58 3.54 7.76
C GLU A 660 34.30 3.06 8.48
N ALA A 661 33.39 2.34 7.74
CA ALA A 661 32.13 1.82 8.24
C ALA A 661 32.37 0.83 9.42
N VAL A 662 33.34 -0.11 9.27
CA VAL A 662 33.71 -1.10 10.30
C VAL A 662 34.28 -0.38 11.55
N LYS A 663 35.08 0.67 11.33
CA LYS A 663 35.66 1.46 12.43
C LYS A 663 34.57 2.23 13.17
N ILE A 664 33.52 2.68 12.48
CA ILE A 664 32.38 3.39 13.10
C ILE A 664 31.66 2.43 14.08
N VAL A 665 31.42 1.19 13.66
CA VAL A 665 30.71 0.19 14.45
C VAL A 665 31.57 -0.17 15.69
N LYS A 666 32.85 -0.43 15.47
CA LYS A 666 33.78 -0.76 16.55
C LYS A 666 33.86 0.36 17.61
N GLU A 667 33.88 1.65 17.18
CA GLU A 667 33.95 2.80 18.07
C GLU A 667 32.65 2.94 18.84
N VAL A 668 31.48 2.80 18.16
CA VAL A 668 30.15 2.90 18.82
C VAL A 668 30.01 1.83 19.93
N THR A 669 30.34 0.56 19.62
CA THR A 669 30.25 -0.55 20.57
C THR A 669 31.14 -0.28 21.81
N GLU A 670 32.40 0.20 21.62
CA GLU A 670 33.29 0.53 22.75
C GLU A 670 32.69 1.67 23.60
N LYS A 671 32.15 2.73 22.96
CA LYS A 671 31.51 3.85 23.64
C LYS A 671 30.31 3.36 24.46
N LEU A 672 29.54 2.39 23.93
CA LEU A 672 28.38 1.81 24.65
C LEU A 672 28.86 1.05 25.89
N SER A 673 29.96 0.28 25.76
CA SER A 673 30.52 -0.52 26.85
C SER A 673 31.11 0.32 28.00
N LYS A 674 31.61 1.53 27.67
CA LYS A 674 32.22 2.47 28.62
C LYS A 674 31.21 3.55 29.08
N TYR A 675 29.89 3.36 28.77
CA TYR A 675 28.76 4.23 29.15
C TYR A 675 29.01 5.69 28.70
N GLU A 676 29.49 5.85 27.47
CA GLU A 676 29.82 7.14 26.85
C GLU A 676 28.71 7.62 25.88
N ILE A 677 27.65 6.82 25.71
CA ILE A 677 26.54 7.16 24.82
C ILE A 677 25.42 7.83 25.63
N PRO A 678 24.93 9.03 25.21
CA PRO A 678 23.81 9.68 25.91
C PRO A 678 22.57 8.77 26.05
N PRO A 679 21.93 8.72 27.26
CA PRO A 679 20.75 7.84 27.43
C PRO A 679 19.59 8.12 26.47
N GLU A 680 19.48 9.35 25.94
CA GLU A 680 18.41 9.77 25.03
C GLU A 680 18.48 9.03 23.66
N LYS A 681 19.67 8.56 23.28
CA LYS A 681 19.87 7.81 22.04
C LYS A 681 19.57 6.30 22.25
N LEU A 682 19.13 5.94 23.48
CA LEU A 682 18.83 4.54 23.85
C LEU A 682 17.34 4.25 24.11
N VAL A 683 16.50 5.27 23.97
CA VAL A 683 15.07 5.13 24.20
C VAL A 683 14.44 4.35 23.07
N ILE A 684 13.61 3.37 23.44
CA ILE A 684 12.80 2.51 22.54
C ILE A 684 11.35 2.91 22.74
N TYR A 685 10.61 3.09 21.65
CA TYR A 685 9.19 3.46 21.68
C TYR A 685 8.32 2.36 21.09
N GLU A 686 7.28 1.91 21.84
CA GLU A 686 6.30 0.92 21.38
C GLU A 686 4.90 1.31 21.85
N GLN A 687 3.94 1.23 20.94
CA GLN A 687 2.55 1.57 21.24
C GLN A 687 1.83 0.45 22.01
N ILE A 688 0.90 0.86 22.89
CA ILE A 688 -0.07 0.01 23.57
C ILE A 688 -1.24 -0.08 22.56
N THR A 689 -1.65 -1.30 22.16
CA THR A 689 -2.69 -1.43 21.14
C THR A 689 -4.02 -2.03 21.65
N ARG A 690 -4.11 -2.36 22.95
CA ARG A 690 -5.31 -2.97 23.55
C ARG A 690 -5.33 -2.72 25.08
N PRO A 691 -6.43 -3.01 25.81
CA PRO A 691 -6.35 -2.92 27.27
C PRO A 691 -5.25 -3.85 27.80
N LEU A 692 -4.51 -3.41 28.81
CA LEU A 692 -3.35 -4.12 29.37
C LEU A 692 -3.66 -5.58 29.78
N SER A 693 -4.88 -5.84 30.25
CA SER A 693 -5.30 -7.18 30.68
C SER A 693 -5.46 -8.18 29.50
N GLU A 694 -5.58 -7.67 28.25
CA GLU A 694 -5.76 -8.50 27.04
C GLU A 694 -4.45 -9.08 26.48
N TYR A 695 -3.29 -8.63 26.98
CA TYR A 695 -1.99 -9.13 26.50
C TYR A 695 -1.74 -10.58 26.98
N LYS A 696 -1.27 -11.42 26.05
CA LYS A 696 -0.93 -12.83 26.25
C LYS A 696 0.59 -12.98 26.50
N ALA A 697 1.38 -12.09 25.88
CA ALA A 697 2.84 -12.02 26.01
C ALA A 697 3.21 -10.60 26.47
N ILE A 698 3.91 -10.50 27.60
CA ILE A 698 4.26 -9.22 28.22
C ILE A 698 5.66 -8.78 27.80
N GLY A 699 5.72 -7.93 26.78
CA GLY A 699 6.96 -7.35 26.29
C GLY A 699 7.41 -6.20 27.19
N PRO A 700 8.69 -5.76 27.07
CA PRO A 700 9.19 -4.66 27.93
C PRO A 700 8.25 -3.42 28.02
N HIS A 701 7.60 -3.00 26.90
CA HIS A 701 6.69 -1.82 26.90
C HIS A 701 5.43 -2.08 27.70
N VAL A 702 4.98 -3.34 27.78
CA VAL A 702 3.77 -3.73 28.54
C VAL A 702 4.14 -3.79 30.01
N ALA A 703 5.32 -4.33 30.33
CA ALA A 703 5.81 -4.38 31.71
C ALA A 703 5.89 -2.94 32.26
N VAL A 704 6.45 -2.01 31.46
CA VAL A 704 6.57 -0.58 31.79
C VAL A 704 5.16 0.05 31.94
N ALA A 705 4.25 -0.24 31.01
CA ALA A 705 2.88 0.26 30.99
C ALA A 705 2.10 -0.15 32.23
N LYS A 706 2.21 -1.43 32.64
CA LYS A 706 1.51 -1.96 33.82
C LYS A 706 1.93 -1.22 35.09
N ARG A 707 3.23 -0.85 35.21
CA ARG A 707 3.75 -0.09 36.35
C ARG A 707 3.17 1.32 36.32
N LEU A 708 3.07 1.94 35.12
CA LEU A 708 2.50 3.29 34.94
C LEU A 708 1.01 3.27 35.35
N ALA A 709 0.21 2.30 34.88
CA ALA A 709 -1.19 2.17 35.28
C ALA A 709 -1.34 1.92 36.79
N ALA A 710 -0.41 1.19 37.41
CA ALA A 710 -0.38 0.90 38.85
C ALA A 710 -0.17 2.17 39.67
N LYS A 711 0.54 3.17 39.10
CA LYS A 711 0.81 4.47 39.69
C LYS A 711 -0.39 5.45 39.48
N GLY A 712 -1.40 5.01 38.71
CA GLY A 712 -2.60 5.78 38.40
C GLY A 712 -2.64 6.42 37.02
N VAL A 713 -1.67 6.09 36.14
CA VAL A 713 -1.66 6.65 34.78
C VAL A 713 -2.79 5.97 33.94
N LYS A 714 -3.62 6.76 33.24
CA LYS A 714 -4.66 6.20 32.38
C LYS A 714 -3.99 5.67 31.13
N VAL A 715 -3.59 4.39 31.15
CA VAL A 715 -2.97 3.76 29.98
C VAL A 715 -4.11 3.32 29.03
N LYS A 716 -4.01 3.71 27.77
CA LYS A 716 -5.07 3.45 26.77
C LYS A 716 -4.46 3.00 25.45
N PRO A 717 -5.18 2.21 24.61
CA PRO A 717 -4.64 1.87 23.29
C PRO A 717 -4.32 3.17 22.50
N GLY A 718 -3.18 3.18 21.83
CA GLY A 718 -2.72 4.36 21.12
C GLY A 718 -1.59 5.10 21.82
N MET A 719 -1.49 4.95 23.17
CA MET A 719 -0.39 5.55 23.93
C MET A 719 0.89 4.83 23.57
N VAL A 720 1.96 5.61 23.30
CA VAL A 720 3.29 5.14 22.94
C VAL A 720 4.17 5.19 24.19
N ILE A 721 4.75 4.03 24.55
CA ILE A 721 5.62 3.86 25.73
C ILE A 721 7.10 3.95 25.34
N GLY A 722 7.81 4.89 25.99
CA GLY A 722 9.25 5.08 25.84
C GLY A 722 9.96 4.43 27.01
N TYR A 723 10.99 3.61 26.73
CA TYR A 723 11.72 2.92 27.78
C TYR A 723 13.18 2.70 27.41
N ILE A 724 13.99 2.38 28.42
CA ILE A 724 15.41 2.04 28.33
C ILE A 724 15.61 0.69 28.99
N VAL A 725 16.45 -0.16 28.37
CA VAL A 725 16.80 -1.47 28.90
C VAL A 725 17.99 -1.30 29.86
N LEU A 726 17.79 -1.69 31.13
CA LEU A 726 18.82 -1.59 32.13
C LEU A 726 19.59 -2.89 32.29
N ARG A 727 20.80 -2.78 32.87
CA ARG A 727 21.70 -3.89 33.13
C ARG A 727 21.06 -4.84 34.14
N GLY A 728 21.24 -6.16 33.94
CA GLY A 728 20.71 -7.16 34.87
C GLY A 728 20.47 -8.56 34.36
N ASP A 729 19.84 -9.38 35.23
CA ASP A 729 19.52 -10.78 34.98
C ASP A 729 18.14 -11.00 34.32
N GLY A 730 18.11 -11.96 33.38
CA GLY A 730 16.91 -12.43 32.69
C GLY A 730 16.43 -11.69 31.46
N PRO A 731 15.14 -11.93 31.08
CA PRO A 731 14.56 -11.25 29.90
C PRO A 731 14.45 -9.74 30.09
N ILE A 732 14.62 -9.02 28.98
CA ILE A 732 14.62 -7.56 28.92
C ILE A 732 13.31 -6.96 29.47
N SER A 733 12.21 -7.76 29.54
CA SER A 733 10.90 -7.32 30.08
C SER A 733 11.00 -6.88 31.53
N LYS A 734 11.83 -7.58 32.31
CA LYS A 734 11.99 -7.34 33.72
C LYS A 734 13.02 -6.23 34.01
N ARG A 735 13.69 -5.71 32.98
CA ARG A 735 14.74 -4.71 33.19
C ARG A 735 14.51 -3.42 32.43
N ALA A 736 13.35 -3.28 31.79
CA ALA A 736 13.02 -2.04 31.08
C ALA A 736 12.50 -1.02 32.07
N ILE A 737 12.91 0.24 31.91
CA ILE A 737 12.45 1.33 32.78
C ILE A 737 11.80 2.40 31.91
N ALA A 738 10.71 3.06 32.41
CA ALA A 738 10.05 4.18 31.74
C ALA A 738 11.07 5.31 31.57
N ILE A 739 11.15 5.94 30.38
CA ILE A 739 12.13 7.00 30.10
C ILE A 739 12.01 8.15 31.16
N GLU A 740 10.78 8.50 31.61
CA GLU A 740 10.55 9.54 32.62
C GLU A 740 11.14 9.17 34.00
N GLU A 741 11.27 7.86 34.32
CA GLU A 741 11.83 7.31 35.57
C GLU A 741 13.35 7.10 35.54
N PHE A 742 13.99 7.16 34.35
CA PHE A 742 15.42 6.95 34.21
C PHE A 742 16.21 8.07 34.88
N ASP A 743 17.13 7.68 35.77
CA ASP A 743 18.01 8.56 36.53
C ASP A 743 19.47 8.16 36.19
N PRO A 744 20.18 8.98 35.34
CA PRO A 744 21.56 8.62 34.93
C PRO A 744 22.53 8.39 36.08
N LYS A 745 22.28 9.04 37.24
CA LYS A 745 23.11 8.95 38.44
C LYS A 745 22.80 7.69 39.25
N LYS A 746 21.68 7.00 38.96
CA LYS A 746 21.27 5.81 39.70
C LYS A 746 21.16 4.56 38.80
N HIS A 747 20.60 4.71 37.58
CA HIS A 747 20.35 3.60 36.66
C HIS A 747 21.45 3.43 35.62
N LYS A 748 21.86 2.16 35.38
CA LYS A 748 22.88 1.79 34.39
C LYS A 748 22.25 0.99 33.24
N TYR A 749 22.29 1.55 32.01
CA TYR A 749 21.74 0.90 30.82
C TYR A 749 22.50 -0.38 30.44
N ASP A 750 21.84 -1.31 29.74
CA ASP A 750 22.44 -2.58 29.33
C ASP A 750 23.22 -2.41 28.02
N ALA A 751 24.55 -2.21 28.17
CA ALA A 751 25.48 -2.06 27.05
C ALA A 751 25.48 -3.30 26.13
N GLU A 752 25.40 -4.54 26.69
CA GLU A 752 25.40 -5.77 25.89
C GLU A 752 24.11 -5.88 25.05
N TYR A 753 22.97 -5.46 25.61
CA TYR A 753 21.73 -5.42 24.87
C TYR A 753 21.83 -4.40 23.70
N TYR A 754 22.26 -3.16 23.98
CA TYR A 754 22.35 -2.12 22.94
C TYR A 754 23.41 -2.48 21.89
N ILE A 755 24.42 -3.29 22.26
CA ILE A 755 25.42 -3.71 21.28
C ILE A 755 24.85 -4.87 20.43
N GLU A 756 24.49 -5.99 21.08
CA GLU A 756 24.08 -7.24 20.43
C GLU A 756 22.70 -7.25 19.82
N ASN A 757 21.76 -6.52 20.40
CA ASN A 757 20.39 -6.52 19.93
C ASN A 757 20.02 -5.26 19.21
N GLN A 758 20.83 -4.20 19.27
CA GLN A 758 20.44 -2.96 18.58
C GLN A 758 21.42 -2.61 17.45
N VAL A 759 22.63 -2.17 17.80
CA VAL A 759 23.65 -1.69 16.86
C VAL A 759 24.11 -2.79 15.90
N LEU A 760 24.58 -3.95 16.42
CA LEU A 760 25.07 -5.03 15.54
C LEU A 760 23.98 -5.57 14.56
N PRO A 761 22.72 -5.93 14.94
CA PRO A 761 21.75 -6.32 13.90
C PRO A 761 21.49 -5.23 12.86
N ALA A 762 21.53 -3.94 13.23
CA ALA A 762 21.31 -2.86 12.28
C ALA A 762 22.38 -2.82 11.16
N VAL A 763 23.64 -3.18 11.46
CA VAL A 763 24.72 -3.08 10.48
C VAL A 763 25.23 -4.43 9.94
N GLU A 764 24.96 -5.57 10.62
CA GLU A 764 25.54 -6.84 10.22
C GLU A 764 25.13 -7.33 8.81
N ARG A 765 23.89 -7.08 8.37
CA ARG A 765 23.43 -7.50 7.04
C ARG A 765 24.21 -6.76 5.98
N ILE A 766 24.33 -5.43 6.14
CA ILE A 766 25.06 -4.54 5.26
C ILE A 766 26.52 -5.02 5.12
N LEU A 767 27.20 -5.22 6.24
CA LEU A 767 28.62 -5.55 6.22
C LEU A 767 28.94 -7.00 5.84
N ARG A 768 27.91 -7.87 5.72
CA ARG A 768 28.05 -9.27 5.27
C ARG A 768 28.39 -9.29 3.78
N ALA A 769 27.93 -8.27 3.04
CA ALA A 769 28.18 -8.06 1.62
C ALA A 769 29.66 -7.79 1.34
N PHE A 770 30.44 -7.49 2.41
CA PHE A 770 31.87 -7.16 2.32
C PHE A 770 32.72 -8.23 3.04
N GLY A 771 32.10 -9.35 3.38
CA GLY A 771 32.75 -10.48 4.01
C GLY A 771 32.88 -10.44 5.52
N TYR A 772 32.19 -9.51 6.17
CA TYR A 772 32.30 -9.41 7.63
C TYR A 772 31.21 -10.18 8.35
N ARG A 773 31.57 -10.84 9.44
CA ARG A 773 30.62 -11.51 10.33
C ARG A 773 30.43 -10.58 11.56
N LYS A 774 29.32 -10.76 12.29
CA LYS A 774 28.93 -9.97 13.48
C LYS A 774 30.08 -9.83 14.51
N GLU A 775 30.95 -10.84 14.64
CA GLU A 775 32.08 -10.97 15.58
C GLU A 775 33.28 -10.07 15.19
N ASP A 776 33.37 -9.63 13.91
CA ASP A 776 34.52 -8.82 13.49
C ASP A 776 34.28 -7.33 13.60
N LEU A 777 33.10 -6.93 14.14
CA LEU A 777 32.68 -5.54 14.25
C LEU A 777 32.85 -4.97 15.68
N LYS A 778 33.81 -5.53 16.45
CA LYS A 778 34.16 -5.13 17.83
C LYS A 778 35.67 -5.20 18.05
N TYR A 779 36.20 -4.43 19.04
CA TYR A 779 37.63 -4.44 19.35
C TYR A 779 38.03 -5.73 20.06
#